data_3VMF
#
_entry.id   3VMF
#
_cell.length_a   176.567
_cell.length_b   55.169
_cell.length_c   90.689
_cell.angle_alpha   90.00
_cell.angle_beta   101.61
_cell.angle_gamma   90.00
#
_symmetry.space_group_name_H-M   'C 1 2 1'
#
loop_
_entity.id
_entity.type
_entity.pdbx_description
1 polymer 'Elongation factor 1-alpha'
2 polymer 'Peptide chain release factor subunit 1'
3 non-polymer "GUANOSINE-5'-TRIPHOSPHATE"
4 non-polymer 'MAGNESIUM ION'
5 non-polymer 'SULFATE ION'
6 water water
#
loop_
_entity_poly.entity_id
_entity_poly.type
_entity_poly.pdbx_seq_one_letter_code
_entity_poly.pdbx_strand_id
1 'polypeptide(L)'
;GSHMAEKPHMNLVVIGHVDHGKSTLVGHLLYRLGYIEEKKLKELEEQAKSRGKESFKFAWILDKMKEERERGITIDLTFM
KFETKKYVFTIIDAPGHRDFVKNMITGASQADAAILVVSARKGEFEAGMSTEGQTREHLLLARTMGIEQIIVAVNKMDAP
DVNYDQKRYEFVVSVLKKFMKGLGYQVDKIPFIPVSAWKGDNLIERSPNMPWYNGPTLVEALDQLQPPAKPVDKPLRIPV
QNVYSIPGAGTVPVGRVETGVLRVGDKVVFMPPGVVGEVRSIEMHYQQLQQAEPGDNIGFAVRGVSKSDIKRGDVAGHLD
KPPTVAEEFEARIFVIWHPSAITVGYTPVIHVHTASVSSRIIEIKAKLDPKTGQVVEQNPQFLKAGDAAIVRFKPVKPLV
VEKFSEIPQLGRFAMRDMNRTVGIGIVTDVKPAKVDIKAK
;
A
2 'polypeptide(L)'
;MSQGRLEERLTISKRELARLLKELKKWSAPATVLLSLYIPPGRPLSDVMTLLRQEYSITDNIKLKRTRQAVKRALSAAMD
RLQMLTSTPPNGLVLFCGEDMSTGKFECFMFSPPEPIRVFYYRTDKRFITDFLEDMVEDNNAIGIIIVERDQATIGLLKG
ARLEVLKELEGFVPGKHKMGGQSQRRYERIIEQMVDEFFKKVGEEASNLLVPLAEKGVLKGVIVAGPGLAKQEFVEGNYL
DYRLKKILAPELVDVAYQGLQGLKEAVMKAEKVVEAQMYRDAVNAMEEFKLHLAKGTGMIVYGEKDVEAALEMGAVKTLL
IHESREDLEEWVEKAKSSGAQVIVVPESLAEAEWFLKTFGGLAGILRFRISTV
;
B
#
loop_
_chem_comp.id
_chem_comp.type
_chem_comp.name
_chem_comp.formula
GTP non-polymer GUANOSINE-5'-TRIPHOSPHATE 'C10 H16 N5 O14 P3'
MG non-polymer 'MAGNESIUM ION' 'Mg 2'
SO4 non-polymer 'SULFATE ION' 'O4 S -2'
#
# COMPACT_ATOMS: atom_id res chain seq x y z
N LYS A 7 -23.81 24.46 24.72
CA LYS A 7 -22.84 23.51 25.25
C LYS A 7 -21.87 23.06 24.15
N PRO A 8 -20.58 23.33 24.32
CA PRO A 8 -19.63 23.11 23.22
C PRO A 8 -19.41 21.62 22.90
N HIS A 9 -19.18 21.34 21.61
CA HIS A 9 -19.00 19.96 21.17
C HIS A 9 -17.55 19.60 20.92
N MET A 10 -17.15 18.41 21.32
CA MET A 10 -15.80 17.94 21.07
C MET A 10 -15.72 16.49 20.57
N ASN A 11 -14.72 16.23 19.74
CA ASN A 11 -14.44 14.88 19.27
C ASN A 11 -13.30 14.21 20.05
N LEU A 12 -13.60 13.03 20.57
CA LEU A 12 -12.70 12.27 21.42
C LEU A 12 -12.38 10.93 20.73
N VAL A 13 -11.10 10.62 20.54
CA VAL A 13 -10.71 9.32 20.04
C VAL A 13 -10.08 8.56 21.22
N VAL A 14 -10.35 7.27 21.27
CA VAL A 14 -9.83 6.41 22.32
C VAL A 14 -8.79 5.53 21.64
N ILE A 15 -7.58 5.53 22.17
CA ILE A 15 -6.51 4.85 21.48
C ILE A 15 -5.69 3.98 22.42
N GLY A 16 -4.76 3.22 21.88
CA GLY A 16 -3.95 2.34 22.71
C GLY A 16 -3.82 0.91 22.22
N HIS A 17 -2.86 0.20 22.80
CA HIS A 17 -2.49 -1.14 22.40
C HIS A 17 -3.65 -2.15 22.45
N VAL A 18 -3.59 -3.17 21.60
CA VAL A 18 -4.62 -4.23 21.60
C VAL A 18 -4.91 -4.81 23.00
N ASP A 19 -6.19 -4.94 23.33
CA ASP A 19 -6.65 -5.52 24.59
C ASP A 19 -6.40 -4.67 25.85
N HIS A 20 -5.87 -3.46 25.68
CA HIS A 20 -5.57 -2.66 26.86
C HIS A 20 -6.80 -2.13 27.56
N GLY A 21 -7.94 -2.15 26.85
CA GLY A 21 -9.22 -1.87 27.47
C GLY A 21 -10.03 -0.71 26.91
N LYS A 22 -9.74 -0.31 25.68
CA LYS A 22 -10.37 0.86 25.06
C LYS A 22 -11.90 0.79 25.05
N SER A 23 -12.44 -0.28 24.47
CA SER A 23 -13.89 -0.41 24.31
C SER A 23 -14.63 -0.65 25.62
N THR A 24 -13.97 -1.32 26.55
CA THR A 24 -14.53 -1.57 27.87
C THR A 24 -14.65 -0.27 28.65
N LEU A 25 -13.66 0.61 28.49
CA LEU A 25 -13.70 1.91 29.11
C LEU A 25 -14.88 2.69 28.56
N VAL A 26 -14.92 2.90 27.25
CA VAL A 26 -15.99 3.68 26.65
C VAL A 26 -17.37 3.14 27.03
N GLY A 27 -17.56 1.84 26.84
CA GLY A 27 -18.82 1.19 27.16
C GLY A 27 -19.20 1.38 28.61
N HIS A 28 -18.29 1.06 29.51
CA HIS A 28 -18.56 1.19 30.94
C HIS A 28 -18.79 2.65 31.34
N LEU A 29 -18.05 3.58 30.75
CA LEU A 29 -18.30 5.00 30.99
C LEU A 29 -19.71 5.42 30.56
N LEU A 30 -20.13 5.03 29.35
CA LEU A 30 -21.48 5.33 28.89
C LEU A 30 -22.54 4.74 29.83
N TYR A 31 -22.22 3.62 30.46
CA TYR A 31 -23.17 2.92 31.30
C TYR A 31 -23.45 3.62 32.64
N ARG A 32 -22.39 3.88 33.40
CA ARG A 32 -22.53 4.50 34.72
C ARG A 32 -22.95 5.96 34.56
N LEU A 33 -22.81 6.48 33.35
CA LEU A 33 -23.38 7.78 32.98
C LEU A 33 -24.81 7.62 32.50
N GLY A 34 -25.31 6.39 32.57
CA GLY A 34 -26.70 6.09 32.25
C GLY A 34 -27.15 6.27 30.80
N TYR A 35 -26.23 6.12 29.84
CA TYR A 35 -26.57 6.22 28.42
C TYR A 35 -26.94 4.89 27.80
N ILE A 36 -26.81 3.84 28.59
CA ILE A 36 -27.06 2.50 28.11
C ILE A 36 -28.08 1.82 28.97
N GLU A 37 -29.14 1.34 28.32
CA GLU A 37 -30.23 0.63 28.99
C GLU A 37 -29.75 -0.59 29.76
N GLU A 38 -30.11 -0.65 31.04
CA GLU A 38 -29.74 -1.75 31.91
C GLU A 38 -30.20 -3.09 31.36
N LYS A 39 -31.35 -3.09 30.67
CA LYS A 39 -31.89 -4.30 30.07
C LYS A 39 -30.99 -4.77 28.93
N LYS A 40 -30.44 -3.82 28.18
CA LYS A 40 -29.54 -4.14 27.09
C LYS A 40 -28.20 -4.66 27.63
N LEU A 41 -27.65 -3.97 28.63
CA LEU A 41 -26.44 -4.46 29.28
C LEU A 41 -26.64 -5.88 29.81
N LYS A 42 -27.83 -6.16 30.34
CA LYS A 42 -28.18 -7.50 30.81
C LYS A 42 -28.13 -8.52 29.69
N GLU A 43 -28.81 -8.22 28.57
CA GLU A 43 -28.82 -9.09 27.39
C GLU A 43 -27.43 -9.31 26.78
N LEU A 44 -26.62 -8.24 26.70
CA LEU A 44 -25.28 -8.34 26.16
C LEU A 44 -24.43 -9.29 26.98
N GLU A 45 -24.52 -9.12 28.30
CA GLU A 45 -23.81 -9.96 29.25
C GLU A 45 -24.15 -11.43 29.08
N GLU A 46 -25.44 -11.72 28.94
CA GLU A 46 -25.90 -13.09 28.75
C GLU A 46 -25.37 -13.66 27.43
N GLN A 47 -25.48 -12.87 26.36
CA GLN A 47 -24.90 -13.25 25.08
C GLN A 47 -23.39 -13.42 25.17
N ALA A 48 -22.72 -12.56 25.93
CA ALA A 48 -21.27 -12.66 26.08
C ALA A 48 -20.85 -13.94 26.82
N LYS A 49 -21.56 -14.25 27.90
CA LYS A 49 -21.25 -15.45 28.68
C LYS A 49 -21.47 -16.71 27.87
N SER A 50 -22.52 -16.68 27.05
CA SER A 50 -22.95 -17.87 26.33
C SER A 50 -22.03 -18.17 25.18
N ARG A 51 -21.16 -17.20 24.85
CA ARG A 51 -20.22 -17.39 23.76
C ARG A 51 -18.81 -17.52 24.32
N GLY A 52 -18.73 -17.66 25.65
CA GLY A 52 -17.46 -17.81 26.35
C GLY A 52 -16.69 -16.53 26.61
N LYS A 53 -17.36 -15.40 26.59
CA LYS A 53 -16.68 -14.11 26.66
C LYS A 53 -17.34 -13.16 27.63
N GLU A 54 -17.55 -13.60 28.87
CA GLU A 54 -18.17 -12.77 29.90
C GLU A 54 -17.57 -11.36 29.97
N SER A 55 -16.25 -11.29 29.98
CA SER A 55 -15.55 -10.03 30.22
C SER A 55 -15.64 -9.05 29.04
N PHE A 56 -16.47 -9.37 28.05
CA PHE A 56 -16.64 -8.49 26.90
C PHE A 56 -17.97 -7.72 26.88
N LYS A 57 -18.70 -7.77 27.98
CA LYS A 57 -20.04 -7.18 28.04
C LYS A 57 -20.09 -5.66 27.79
N PHE A 58 -19.13 -4.91 28.31
CA PHE A 58 -19.04 -3.48 28.05
C PHE A 58 -18.48 -3.22 26.66
N ALA A 59 -17.40 -3.90 26.32
CA ALA A 59 -16.81 -3.82 24.98
C ALA A 59 -17.85 -4.11 23.89
N TRP A 60 -18.74 -5.08 24.13
CA TRP A 60 -19.76 -5.42 23.11
C TRP A 60 -20.85 -4.36 22.88
N ILE A 61 -20.88 -3.33 23.72
CA ILE A 61 -21.69 -2.15 23.43
C ILE A 61 -21.13 -1.49 22.14
N LEU A 62 -19.81 -1.51 21.99
CA LEU A 62 -19.17 -0.88 20.85
C LEU A 62 -18.90 -1.87 19.72
N ASP A 63 -18.37 -3.04 20.06
CA ASP A 63 -18.02 -4.04 19.06
C ASP A 63 -19.26 -4.85 18.66
N LYS A 64 -19.74 -4.63 17.44
CA LYS A 64 -21.00 -5.20 17.00
C LYS A 64 -20.86 -6.16 15.82
N MET A 65 -19.80 -5.98 15.04
CA MET A 65 -19.59 -6.81 13.86
C MET A 65 -19.35 -8.27 14.25
N LYS A 66 -19.74 -9.15 13.35
CA LYS A 66 -19.60 -10.58 13.56
C LYS A 66 -18.15 -10.97 13.80
N GLU A 67 -17.23 -10.43 13.03
CA GLU A 67 -15.82 -10.74 13.22
C GLU A 67 -15.24 -10.13 14.51
N GLU A 68 -15.69 -8.94 14.89
CA GLU A 68 -15.28 -8.36 16.17
C GLU A 68 -15.67 -9.24 17.34
N ARG A 69 -16.90 -9.71 17.34
CA ARG A 69 -17.40 -10.52 18.44
C ARG A 69 -16.70 -11.88 18.46
N GLU A 70 -16.52 -12.50 17.28
CA GLU A 70 -15.89 -13.81 17.19
C GLU A 70 -14.46 -13.76 17.71
N ARG A 71 -13.73 -12.73 17.31
CA ARG A 71 -12.34 -12.64 17.71
C ARG A 71 -12.15 -11.93 19.06
N GLY A 72 -13.14 -11.17 19.52
CA GLY A 72 -12.93 -10.36 20.71
C GLY A 72 -12.00 -9.16 20.49
N ILE A 73 -12.07 -8.54 19.33
CA ILE A 73 -11.29 -7.32 19.08
C ILE A 73 -12.15 -6.28 18.38
N THR A 74 -11.74 -5.01 18.46
CA THR A 74 -12.38 -3.97 17.65
C THR A 74 -11.70 -3.98 16.29
N ILE A 75 -12.48 -3.75 15.24
CA ILE A 75 -11.95 -3.69 13.88
C ILE A 75 -12.08 -2.28 13.31
N ASP A 76 -13.26 -1.69 13.40
CA ASP A 76 -13.36 -0.32 12.96
C ASP A 76 -14.09 0.61 13.92
N LEU A 77 -14.07 1.89 13.57
CA LEU A 77 -14.52 2.95 14.46
C LEU A 77 -15.98 2.82 14.82
N THR A 78 -16.28 3.21 16.06
CA THR A 78 -17.65 3.36 16.52
C THR A 78 -17.78 4.74 17.13
N PHE A 79 -18.91 5.40 16.86
CA PHE A 79 -19.15 6.75 17.33
C PHE A 79 -20.30 6.78 18.32
N MET A 80 -20.08 7.37 19.49
CA MET A 80 -21.13 7.47 20.50
C MET A 80 -21.18 8.89 21.08
N LYS A 81 -22.40 9.38 21.28
CA LYS A 81 -22.61 10.67 21.88
C LYS A 81 -22.84 10.51 23.36
N PHE A 82 -22.12 11.28 24.16
CA PHE A 82 -22.47 11.45 25.57
C PHE A 82 -22.15 12.87 25.99
N GLU A 83 -22.66 13.25 27.16
CA GLU A 83 -22.65 14.64 27.58
C GLU A 83 -22.18 14.82 29.01
N THR A 84 -21.10 15.58 29.21
CA THR A 84 -20.63 15.90 30.56
C THR A 84 -21.20 17.22 31.07
N LYS A 85 -20.69 17.70 32.20
CA LYS A 85 -21.18 18.95 32.79
C LYS A 85 -20.96 20.14 31.86
N LYS A 86 -19.81 20.18 31.22
CA LYS A 86 -19.49 21.31 30.38
C LYS A 86 -19.63 21.01 28.89
N TYR A 87 -19.38 19.76 28.49
CA TYR A 87 -19.28 19.44 27.07
C TYR A 87 -20.23 18.37 26.57
N VAL A 88 -20.48 18.40 25.27
CA VAL A 88 -21.02 17.23 24.59
C VAL A 88 -19.91 16.64 23.72
N PHE A 89 -19.67 15.35 23.90
CA PHE A 89 -18.63 14.65 23.16
C PHE A 89 -19.23 13.70 22.14
N THR A 90 -18.57 13.63 20.98
CA THR A 90 -18.67 12.47 20.11
C THR A 90 -17.46 11.64 20.47
N ILE A 91 -17.68 10.43 20.96
CA ILE A 91 -16.56 9.58 21.35
C ILE A 91 -16.30 8.48 20.31
N ILE A 92 -15.04 8.31 19.95
CA ILE A 92 -14.69 7.41 18.86
C ILE A 92 -13.82 6.23 19.31
N ASP A 93 -14.40 5.03 19.26
CA ASP A 93 -13.71 3.83 19.68
C ASP A 93 -12.82 3.27 18.54
N ALA A 94 -11.52 3.27 18.77
CA ALA A 94 -10.58 2.86 17.72
C ALA A 94 -9.92 1.51 18.04
N PRO A 95 -9.58 0.73 17.01
CA PRO A 95 -8.98 -0.60 17.22
C PRO A 95 -7.48 -0.53 17.58
N GLY A 96 -7.00 -1.52 18.33
CA GLY A 96 -5.59 -1.57 18.68
C GLY A 96 -4.80 -2.51 17.79
N HIS A 97 -5.51 -3.44 17.15
CA HIS A 97 -4.87 -4.49 16.39
C HIS A 97 -4.07 -3.85 15.26
N ARG A 98 -2.87 -4.36 15.07
CA ARG A 98 -1.94 -3.82 14.07
C ARG A 98 -2.46 -3.85 12.66
N ASP A 99 -3.30 -4.84 12.35
CA ASP A 99 -3.95 -4.87 11.03
C ASP A 99 -4.84 -3.66 10.77
N PHE A 100 -5.39 -3.08 11.82
CA PHE A 100 -6.35 -2.01 11.61
C PHE A 100 -5.89 -0.63 12.08
N VAL A 101 -4.58 -0.40 12.12
CA VAL A 101 -4.13 0.96 12.44
C VAL A 101 -4.56 2.00 11.39
N LYS A 102 -4.75 1.59 10.15
CA LYS A 102 -5.34 2.49 9.16
C LYS A 102 -6.71 3.02 9.59
N ASN A 103 -7.48 2.22 10.32
CA ASN A 103 -8.77 2.68 10.82
C ASN A 103 -8.59 3.64 12.00
N MET A 104 -7.64 3.33 12.88
CA MET A 104 -7.35 4.18 14.02
C MET A 104 -6.92 5.57 13.53
N ILE A 105 -6.19 5.62 12.42
CA ILE A 105 -5.67 6.87 11.88
C ILE A 105 -6.79 7.77 11.37
N THR A 106 -7.76 7.19 10.64
CA THR A 106 -8.91 7.99 10.21
C THR A 106 -9.62 8.56 11.44
N GLY A 107 -9.66 7.78 12.52
CA GLY A 107 -10.26 8.20 13.77
C GLY A 107 -9.53 9.40 14.37
N ALA A 108 -8.21 9.32 14.45
CA ALA A 108 -7.39 10.42 14.96
C ALA A 108 -7.56 11.68 14.13
N SER A 109 -7.65 11.54 12.82
CA SER A 109 -7.82 12.66 11.92
C SER A 109 -9.09 13.45 12.21
N GLN A 110 -10.08 12.78 12.79
CA GLN A 110 -11.34 13.43 13.14
C GLN A 110 -11.41 13.91 14.61
N ALA A 111 -10.31 13.85 15.34
CA ALA A 111 -10.42 14.05 16.79
C ALA A 111 -9.89 15.40 17.28
N ASP A 112 -10.47 15.87 18.39
CA ASP A 112 -10.02 17.12 19.02
C ASP A 112 -9.11 16.79 20.18
N ALA A 113 -9.30 15.61 20.76
CA ALA A 113 -8.59 15.18 21.93
C ALA A 113 -8.52 13.66 21.92
N ALA A 114 -7.68 13.11 22.77
CA ALA A 114 -7.52 11.67 22.82
C ALA A 114 -7.47 11.15 24.25
N ILE A 115 -8.12 10.01 24.48
CA ILE A 115 -7.85 9.23 25.67
C ILE A 115 -6.96 8.06 25.29
N LEU A 116 -5.76 8.06 25.83
CA LEU A 116 -4.84 6.96 25.64
C LEU A 116 -5.10 5.97 26.76
N VAL A 117 -5.56 4.78 26.40
CA VAL A 117 -5.82 3.73 27.38
C VAL A 117 -4.66 2.77 27.45
N VAL A 118 -4.03 2.67 28.60
CA VAL A 118 -2.78 1.92 28.76
C VAL A 118 -2.86 0.94 29.95
N SER A 119 -2.73 -0.36 29.65
CA SER A 119 -2.84 -1.37 30.70
C SER A 119 -1.64 -1.34 31.64
N ALA A 120 -1.92 -1.37 32.93
CA ALA A 120 -0.85 -1.44 33.92
C ALA A 120 -0.44 -2.89 34.22
N ARG A 121 -1.13 -3.84 33.60
CA ARG A 121 -0.91 -5.25 33.90
C ARG A 121 0.49 -5.63 33.50
N LYS A 122 1.06 -6.58 34.23
CA LYS A 122 2.46 -6.92 34.02
C LYS A 122 2.61 -7.56 32.64
N GLY A 123 3.53 -6.98 31.85
CA GLY A 123 3.76 -7.45 30.50
C GLY A 123 2.90 -6.74 29.46
N GLU A 124 1.64 -6.42 29.81
CA GLU A 124 0.74 -5.75 28.86
C GLU A 124 1.28 -4.36 28.57
N PHE A 125 1.67 -3.66 29.63
CA PHE A 125 2.26 -2.34 29.47
C PHE A 125 3.51 -2.37 28.62
N GLU A 126 4.45 -3.22 29.00
CA GLU A 126 5.75 -3.28 28.34
C GLU A 126 5.60 -3.60 26.86
N ALA A 127 4.66 -4.50 26.57
CA ALA A 127 4.33 -4.88 25.19
C ALA A 127 3.82 -3.70 24.37
N GLY A 128 2.91 -2.93 24.95
CA GLY A 128 2.35 -1.78 24.27
C GLY A 128 3.39 -0.71 24.00
N MET A 129 4.33 -0.58 24.93
CA MET A 129 5.38 0.42 24.83
C MET A 129 6.62 -0.13 24.15
N SER A 130 6.56 -1.38 23.70
CA SER A 130 7.68 -1.98 22.98
C SER A 130 7.83 -1.37 21.61
N THR A 131 9.00 -1.59 21.01
CA THR A 131 9.36 -1.08 19.70
C THR A 131 8.20 -1.14 18.70
N GLU A 132 7.51 -2.27 18.65
CA GLU A 132 6.42 -2.46 17.71
C GLU A 132 5.05 -2.45 18.38
N GLY A 133 4.98 -1.82 19.55
CA GLY A 133 3.75 -1.71 20.32
C GLY A 133 2.89 -0.49 19.94
N GLN A 134 1.59 -0.62 20.18
CA GLN A 134 0.63 0.40 19.76
C GLN A 134 0.34 1.51 20.78
N THR A 135 0.90 1.41 21.99
CA THR A 135 0.88 2.59 22.85
C THR A 135 1.84 3.59 22.21
N ARG A 136 3.04 3.10 21.95
CA ARG A 136 4.05 3.81 21.18
C ARG A 136 3.52 4.35 19.85
N GLU A 137 3.01 3.44 19.00
CA GLU A 137 2.58 3.82 17.66
C GLU A 137 1.38 4.79 17.65
N HIS A 138 0.34 4.47 18.44
CA HIS A 138 -0.84 5.35 18.52
C HIS A 138 -0.52 6.74 19.06
N LEU A 139 0.33 6.82 20.08
CA LEU A 139 0.80 8.12 20.56
C LEU A 139 1.45 8.94 19.43
N LEU A 140 2.37 8.31 18.71
CA LEU A 140 3.05 8.93 17.57
C LEU A 140 2.04 9.40 16.52
N LEU A 141 1.11 8.54 16.13
CA LEU A 141 0.16 8.87 15.08
C LEU A 141 -0.82 9.97 15.52
N ALA A 142 -1.16 9.98 16.81
CA ALA A 142 -2.07 10.97 17.31
C ALA A 142 -1.42 12.35 17.25
N ARG A 143 -0.14 12.41 17.59
CA ARG A 143 0.60 13.65 17.47
C ARG A 143 0.56 14.10 16.02
N THR A 144 0.88 13.19 15.07
CA THR A 144 1.02 13.66 13.69
C THR A 144 -0.29 14.08 13.05
N MET A 145 -1.40 13.48 13.50
CA MET A 145 -2.69 13.88 12.96
C MET A 145 -3.22 15.14 13.66
N GLY A 146 -2.42 15.71 14.55
CA GLY A 146 -2.73 17.00 15.13
C GLY A 146 -3.61 16.98 16.37
N ILE A 147 -3.44 15.97 17.21
CA ILE A 147 -4.12 15.93 18.49
C ILE A 147 -3.16 16.43 19.58
N GLU A 148 -3.60 17.45 20.32
CA GLU A 148 -2.73 18.06 21.33
C GLU A 148 -3.20 17.73 22.72
N GLN A 149 -4.52 17.69 22.91
CA GLN A 149 -5.10 17.41 24.20
C GLN A 149 -5.21 15.91 24.43
N ILE A 150 -4.63 15.45 25.53
CA ILE A 150 -4.62 14.04 25.78
C ILE A 150 -4.82 13.74 27.26
N ILE A 151 -5.63 12.73 27.53
CA ILE A 151 -5.83 12.22 28.86
C ILE A 151 -5.38 10.78 28.83
N VAL A 152 -4.59 10.34 29.80
CA VAL A 152 -4.25 8.93 29.82
C VAL A 152 -4.89 8.17 30.96
N ALA A 153 -5.59 7.12 30.58
CA ALA A 153 -6.20 6.22 31.53
C ALA A 153 -5.26 5.04 31.72
N VAL A 154 -4.54 5.04 32.83
CA VAL A 154 -3.74 3.89 33.20
C VAL A 154 -4.67 2.81 33.73
N ASN A 155 -4.94 1.81 32.89
CA ASN A 155 -6.10 0.93 33.09
C ASN A 155 -5.78 -0.39 33.78
N LYS A 156 -6.84 -1.13 34.15
CA LYS A 156 -6.72 -2.45 34.78
C LYS A 156 -6.05 -2.43 36.16
N MET A 157 -6.25 -1.35 36.92
CA MET A 157 -5.66 -1.23 38.26
C MET A 157 -6.21 -2.32 39.17
N ASP A 158 -7.43 -2.77 38.85
CA ASP A 158 -8.10 -3.82 39.59
C ASP A 158 -7.47 -5.18 39.43
N ALA A 159 -6.77 -5.40 38.31
CA ALA A 159 -6.23 -6.73 38.01
C ALA A 159 -5.32 -7.24 39.13
N PRO A 160 -5.43 -8.53 39.46
CA PRO A 160 -4.69 -9.13 40.58
C PRO A 160 -3.19 -8.86 40.50
N ASP A 161 -2.63 -8.94 39.30
CA ASP A 161 -1.21 -8.64 39.14
C ASP A 161 -0.89 -7.16 39.23
N VAL A 162 -1.90 -6.35 39.55
CA VAL A 162 -1.71 -4.92 39.76
C VAL A 162 -2.19 -4.53 41.15
N ASN A 163 -3.46 -4.83 41.43
CA ASN A 163 -4.09 -4.52 42.72
C ASN A 163 -3.78 -3.11 43.25
N TYR A 164 -4.09 -2.11 42.43
CA TYR A 164 -4.12 -0.72 42.86
C TYR A 164 -2.78 -0.17 43.38
N ASP A 165 -1.69 -0.79 42.95
CA ASP A 165 -0.35 -0.43 43.41
C ASP A 165 0.14 0.90 42.83
N GLN A 166 0.45 1.85 43.71
CA GLN A 166 0.87 3.19 43.30
C GLN A 166 2.26 3.18 42.65
N LYS A 167 3.12 2.30 43.13
CA LYS A 167 4.43 2.15 42.50
C LYS A 167 4.32 1.70 41.04
N ARG A 168 3.44 0.73 40.74
CA ARG A 168 3.27 0.28 39.36
C ARG A 168 2.78 1.46 38.54
N TYR A 169 1.71 2.09 39.01
CA TYR A 169 1.18 3.32 38.39
C TYR A 169 2.28 4.36 38.11
N GLU A 170 3.08 4.70 39.11
CA GLU A 170 4.06 5.75 38.91
C GLU A 170 5.16 5.30 37.96
N PHE A 171 5.35 4.00 37.88
CA PHE A 171 6.27 3.44 36.90
C PHE A 171 5.77 3.69 35.46
N VAL A 172 4.54 3.29 35.18
CA VAL A 172 3.98 3.52 33.85
C VAL A 172 3.88 5.01 33.50
N VAL A 173 3.52 5.85 34.48
CA VAL A 173 3.50 7.30 34.26
C VAL A 173 4.85 7.84 33.83
N SER A 174 5.92 7.45 34.52
CA SER A 174 7.25 8.00 34.19
C SER A 174 7.75 7.56 32.82
N VAL A 175 7.59 6.27 32.52
CA VAL A 175 7.96 5.76 31.19
C VAL A 175 7.19 6.52 30.12
N LEU A 176 5.87 6.60 30.32
CA LEU A 176 5.00 7.28 29.40
C LEU A 176 5.43 8.75 29.26
N LYS A 177 5.80 9.38 30.37
CA LYS A 177 6.22 10.78 30.33
C LYS A 177 7.50 11.01 29.53
N LYS A 178 8.49 10.16 29.73
CA LYS A 178 9.75 10.38 29.03
C LYS A 178 9.54 10.23 27.53
N PHE A 179 8.72 9.26 27.15
CA PHE A 179 8.48 9.04 25.74
C PHE A 179 7.62 10.14 25.14
N MET A 180 6.59 10.55 25.86
CA MET A 180 5.64 11.53 25.35
C MET A 180 6.30 12.90 25.17
N LYS A 181 7.26 13.20 26.04
CA LYS A 181 7.96 14.47 25.95
C LYS A 181 8.87 14.50 24.71
N GLY A 182 9.46 13.36 24.37
CA GLY A 182 10.26 13.24 23.16
C GLY A 182 9.46 13.43 21.87
N LEU A 183 8.14 13.34 21.98
CA LEU A 183 7.24 13.49 20.85
C LEU A 183 6.83 14.95 20.65
N GLY A 184 7.03 15.75 21.69
CA GLY A 184 6.67 17.16 21.67
C GLY A 184 5.42 17.45 22.47
N TYR A 185 4.94 16.47 23.22
CA TYR A 185 3.79 16.69 24.10
C TYR A 185 4.17 17.55 25.28
N GLN A 186 3.22 18.37 25.73
CA GLN A 186 3.42 19.15 26.95
C GLN A 186 2.98 18.33 28.16
N VAL A 187 3.91 17.50 28.61
CA VAL A 187 3.61 16.40 29.49
C VAL A 187 3.14 16.81 30.90
N ASP A 188 3.59 17.99 31.35
CA ASP A 188 3.26 18.52 32.67
C ASP A 188 1.76 18.81 32.79
N LYS A 189 1.12 19.09 31.66
CA LYS A 189 -0.29 19.42 31.61
C LYS A 189 -1.25 18.23 31.52
N ILE A 190 -0.77 17.02 31.30
CA ILE A 190 -1.71 15.94 31.01
C ILE A 190 -1.97 14.96 32.15
N PRO A 191 -3.25 14.73 32.45
CA PRO A 191 -3.70 13.87 33.55
C PRO A 191 -3.37 12.39 33.31
N PHE A 192 -2.83 11.75 34.33
CA PHE A 192 -2.62 10.32 34.33
C PHE A 192 -3.50 9.69 35.39
N ILE A 193 -4.69 9.26 34.98
CA ILE A 193 -5.68 8.77 35.90
C ILE A 193 -5.62 7.27 36.02
N PRO A 194 -5.47 6.74 37.24
CA PRO A 194 -5.57 5.28 37.45
C PRO A 194 -7.02 4.84 37.47
N VAL A 195 -7.41 3.98 36.54
CA VAL A 195 -8.79 3.55 36.45
C VAL A 195 -8.85 2.04 36.33
N SER A 196 -10.07 1.54 36.44
CA SER A 196 -10.41 0.18 36.05
C SER A 196 -11.63 0.22 35.14
N ALA A 197 -11.42 0.12 33.83
CA ALA A 197 -12.52 0.12 32.87
C ALA A 197 -13.58 -0.94 33.21
N TRP A 198 -13.16 -2.00 33.89
CA TRP A 198 -14.02 -3.14 34.17
C TRP A 198 -14.78 -2.96 35.50
N LYS A 199 -14.07 -2.56 36.56
CA LYS A 199 -14.72 -2.30 37.85
C LYS A 199 -15.47 -0.96 37.87
N GLY A 200 -14.87 0.07 37.29
CA GLY A 200 -15.48 1.39 37.24
C GLY A 200 -14.67 2.46 37.97
N ASP A 201 -13.68 2.01 38.74
CA ASP A 201 -12.82 2.88 39.54
C ASP A 201 -12.40 4.15 38.82
N ASN A 202 -12.73 5.30 39.38
CA ASN A 202 -12.30 6.59 38.85
C ASN A 202 -12.84 6.93 37.48
N LEU A 203 -13.83 6.18 37.00
CA LEU A 203 -14.48 6.54 35.75
C LEU A 203 -15.28 7.83 35.95
N ILE A 204 -16.26 7.78 36.86
CA ILE A 204 -17.10 8.95 37.07
C ILE A 204 -17.10 9.44 38.53
N GLU A 205 -16.89 8.52 39.46
CA GLU A 205 -16.81 8.85 40.87
C GLU A 205 -15.45 8.41 41.37
N ARG A 206 -15.08 8.86 42.56
CA ARG A 206 -13.74 8.57 43.08
C ARG A 206 -13.69 7.19 43.75
N SER A 207 -12.54 6.53 43.63
CA SER A 207 -12.42 5.14 44.05
C SER A 207 -11.74 4.99 45.39
N PRO A 208 -12.44 4.35 46.33
CA PRO A 208 -11.88 4.03 47.66
C PRO A 208 -10.66 3.09 47.59
N ASN A 209 -10.57 2.25 46.55
CA ASN A 209 -9.48 1.28 46.45
C ASN A 209 -8.12 1.95 46.24
N MET A 210 -8.15 3.19 45.76
CA MET A 210 -6.93 3.93 45.48
C MET A 210 -6.85 5.28 46.20
N PRO A 211 -6.75 5.23 47.54
CA PRO A 211 -6.71 6.45 48.37
C PRO A 211 -5.57 7.36 47.95
N TRP A 212 -4.47 6.77 47.51
CA TRP A 212 -3.27 7.54 47.23
C TRP A 212 -3.41 8.46 46.03
N TYR A 213 -4.52 8.34 45.29
CA TYR A 213 -4.70 9.15 44.08
C TYR A 213 -5.58 10.38 44.32
N ASN A 214 -5.04 11.54 43.96
CA ASN A 214 -5.68 12.84 44.26
C ASN A 214 -6.19 13.60 43.03
N GLY A 215 -5.88 13.10 41.85
CA GLY A 215 -6.16 13.84 40.63
C GLY A 215 -7.61 13.77 40.20
N PRO A 216 -7.89 14.23 38.99
CA PRO A 216 -9.27 14.15 38.45
C PRO A 216 -9.67 12.70 38.25
N THR A 217 -10.98 12.44 38.33
CA THR A 217 -11.53 11.23 37.75
C THR A 217 -11.57 11.46 36.24
N LEU A 218 -11.93 10.45 35.47
CA LEU A 218 -11.90 10.62 34.01
C LEU A 218 -12.91 11.67 33.53
N VAL A 219 -14.13 11.66 34.09
CA VAL A 219 -15.12 12.66 33.72
C VAL A 219 -14.65 14.08 34.05
N GLU A 220 -14.05 14.26 35.22
CA GLU A 220 -13.53 15.56 35.62
C GLU A 220 -12.46 16.01 34.63
N ALA A 221 -11.65 15.07 34.19
CA ALA A 221 -10.57 15.37 33.26
C ALA A 221 -11.12 15.83 31.92
N LEU A 222 -12.30 15.33 31.60
CA LEU A 222 -12.95 15.65 30.34
C LEU A 222 -13.41 17.09 30.37
N ASP A 223 -13.92 17.51 31.52
CA ASP A 223 -14.46 18.85 31.67
C ASP A 223 -13.36 19.88 31.67
N GLN A 224 -12.17 19.44 32.05
CA GLN A 224 -11.01 20.31 32.05
C GLN A 224 -10.38 20.47 30.69
N LEU A 225 -10.89 19.78 29.68
CA LEU A 225 -10.37 19.98 28.33
C LEU A 225 -10.81 21.36 27.87
N GLN A 226 -10.29 21.77 26.72
CA GLN A 226 -10.63 23.06 26.13
C GLN A 226 -11.07 22.87 24.68
N PRO A 227 -12.14 23.55 24.27
CA PRO A 227 -12.68 23.40 22.91
C PRO A 227 -11.76 24.09 21.91
N PRO A 228 -11.69 23.57 20.68
CA PRO A 228 -10.73 24.06 19.68
C PRO A 228 -11.27 25.22 18.86
N ALA A 229 -10.41 25.84 18.06
CA ALA A 229 -10.81 26.91 17.17
C ALA A 229 -11.86 26.42 16.18
N LYS A 230 -12.88 27.23 15.90
CA LYS A 230 -13.87 26.88 14.87
C LYS A 230 -13.68 27.73 13.62
N PRO A 231 -12.97 27.18 12.61
CA PRO A 231 -12.65 27.92 11.37
C PRO A 231 -13.80 27.91 10.35
N VAL A 232 -14.87 28.63 10.67
CA VAL A 232 -16.06 28.70 9.84
C VAL A 232 -15.88 29.56 8.57
N ASP A 233 -14.85 30.41 8.56
CA ASP A 233 -14.60 31.32 7.43
C ASP A 233 -13.66 30.75 6.35
N LYS A 234 -13.08 29.58 6.61
CA LYS A 234 -12.33 28.87 5.59
C LYS A 234 -13.30 28.03 4.74
N PRO A 235 -12.92 27.67 3.50
CA PRO A 235 -13.88 26.97 2.63
C PRO A 235 -14.23 25.56 3.11
N LEU A 236 -15.50 25.19 2.94
CA LEU A 236 -16.00 23.87 3.33
C LEU A 236 -15.11 22.68 2.88
N ARG A 237 -14.75 21.85 3.84
CA ARG A 237 -14.02 20.61 3.60
C ARG A 237 -14.54 19.52 4.54
N ILE A 238 -15.04 18.43 3.97
CA ILE A 238 -15.48 17.29 4.76
C ILE A 238 -14.91 16.02 4.14
N PRO A 239 -13.87 15.46 4.79
CA PRO A 239 -13.30 14.18 4.34
C PRO A 239 -14.33 13.09 4.67
N VAL A 240 -14.67 12.23 3.72
CA VAL A 240 -15.64 11.20 4.05
C VAL A 240 -14.98 9.98 4.69
N GLN A 241 -15.51 9.62 5.86
CA GLN A 241 -15.02 8.49 6.63
C GLN A 241 -15.71 7.18 6.19
N ASN A 242 -16.96 7.28 5.76
CA ASN A 242 -17.68 6.11 5.24
C ASN A 242 -18.88 6.60 4.45
N VAL A 243 -19.42 5.73 3.61
CA VAL A 243 -20.59 6.08 2.83
C VAL A 243 -21.66 5.02 3.01
N TYR A 244 -22.79 5.42 3.56
CA TYR A 244 -23.91 4.50 3.73
C TYR A 244 -24.96 4.72 2.65
N SER A 245 -25.82 3.73 2.46
CA SER A 245 -26.92 3.82 1.51
C SER A 245 -28.17 3.50 2.28
N ILE A 246 -29.01 4.49 2.50
CA ILE A 246 -29.99 4.38 3.57
C ILE A 246 -31.41 4.58 3.06
N PRO A 247 -32.29 3.60 3.36
CA PRO A 247 -33.68 3.64 2.93
C PRO A 247 -34.34 4.90 3.44
N GLY A 248 -34.81 5.75 2.52
CA GLY A 248 -35.36 7.04 2.90
C GLY A 248 -34.44 8.20 2.54
N ALA A 249 -33.14 8.03 2.80
CA ALA A 249 -32.20 9.13 2.59
C ALA A 249 -31.50 8.98 1.25
N GLY A 250 -31.13 7.76 0.92
CA GLY A 250 -30.33 7.52 -0.26
C GLY A 250 -28.88 7.31 0.16
N THR A 251 -27.95 7.89 -0.58
CA THR A 251 -26.55 7.72 -0.21
C THR A 251 -26.05 8.83 0.72
N VAL A 252 -25.63 8.41 1.90
CA VAL A 252 -25.20 9.37 2.89
C VAL A 252 -23.73 9.16 3.27
N PRO A 253 -22.87 10.05 2.76
CA PRO A 253 -21.52 10.16 3.29
C PRO A 253 -21.57 10.58 4.77
N VAL A 254 -20.60 10.12 5.53
CA VAL A 254 -20.44 10.53 6.91
C VAL A 254 -19.04 11.15 7.00
N GLY A 255 -18.85 12.09 7.91
CA GLY A 255 -17.55 12.70 8.13
C GLY A 255 -17.62 13.91 9.05
N ARG A 256 -16.47 14.35 9.55
CA ARG A 256 -16.41 15.53 10.40
C ARG A 256 -16.11 16.77 9.59
N VAL A 257 -16.94 17.80 9.75
CA VAL A 257 -16.68 19.10 9.12
C VAL A 257 -15.42 19.72 9.70
N GLU A 258 -14.41 19.87 8.86
CA GLU A 258 -13.13 20.41 9.30
C GLU A 258 -13.15 21.93 9.27
N THR A 259 -13.54 22.46 8.11
CA THR A 259 -13.61 23.89 7.88
C THR A 259 -14.89 24.21 7.11
N GLY A 260 -15.34 25.46 7.18
CA GLY A 260 -16.51 25.88 6.47
C GLY A 260 -17.79 25.46 7.17
N VAL A 261 -18.92 25.66 6.49
CA VAL A 261 -20.23 25.35 7.05
C VAL A 261 -21.10 24.65 5.98
N LEU A 262 -21.97 23.74 6.41
CA LEU A 262 -22.81 23.02 5.45
C LEU A 262 -24.29 23.08 5.86
N ARG A 263 -25.14 23.43 4.91
CA ARG A 263 -26.56 23.60 5.19
C ARG A 263 -27.40 22.74 4.26
N VAL A 264 -28.54 22.26 4.74
CA VAL A 264 -29.49 21.60 3.85
C VAL A 264 -29.76 22.50 2.65
N GLY A 265 -29.77 21.92 1.46
CA GLY A 265 -30.02 22.69 0.26
C GLY A 265 -28.74 22.89 -0.53
N ASP A 266 -27.63 22.91 0.18
CA ASP A 266 -26.31 23.15 -0.43
C ASP A 266 -26.03 22.22 -1.59
N LYS A 267 -25.33 22.73 -2.59
CA LYS A 267 -24.80 21.89 -3.65
C LYS A 267 -23.36 21.61 -3.27
N VAL A 268 -22.94 20.35 -3.38
CA VAL A 268 -21.63 19.95 -2.93
C VAL A 268 -20.92 19.05 -3.96
N VAL A 269 -19.60 19.09 -3.99
CA VAL A 269 -18.85 18.28 -4.93
C VAL A 269 -17.90 17.36 -4.15
N PHE A 270 -17.68 16.15 -4.67
CA PHE A 270 -16.80 15.19 -3.98
C PHE A 270 -15.57 14.94 -4.80
N MET A 271 -14.41 15.24 -4.21
CA MET A 271 -13.15 15.11 -4.92
C MET A 271 -12.29 14.00 -4.33
N PRO A 272 -11.46 13.36 -5.16
CA PRO A 272 -11.23 13.57 -6.60
C PRO A 272 -12.22 13.04 -7.68
N PRO A 273 -13.38 12.42 -7.32
CA PRO A 273 -14.15 11.97 -8.50
C PRO A 273 -14.74 13.09 -9.35
N GLY A 274 -15.22 14.15 -8.70
CA GLY A 274 -15.80 15.26 -9.39
C GLY A 274 -17.31 15.12 -9.53
N VAL A 275 -17.90 14.31 -8.67
CA VAL A 275 -19.35 14.15 -8.74
C VAL A 275 -20.03 15.16 -7.81
N VAL A 276 -21.18 15.64 -8.23
CA VAL A 276 -21.87 16.74 -7.58
C VAL A 276 -23.26 16.30 -7.17
N GLY A 277 -23.65 16.62 -5.94
CA GLY A 277 -25.00 16.34 -5.49
C GLY A 277 -25.57 17.48 -4.68
N GLU A 278 -26.67 17.22 -3.98
CA GLU A 278 -27.33 18.26 -3.21
C GLU A 278 -27.84 17.72 -1.88
N VAL A 279 -27.59 18.45 -0.81
CA VAL A 279 -27.93 17.98 0.54
C VAL A 279 -29.44 17.97 0.77
N ARG A 280 -30.00 16.79 1.04
CA ARG A 280 -31.41 16.63 1.37
C ARG A 280 -31.59 16.83 2.87
N SER A 281 -30.57 16.39 3.61
CA SER A 281 -30.69 16.34 5.05
C SER A 281 -29.33 16.15 5.70
N ILE A 282 -29.29 16.44 6.99
CA ILE A 282 -28.08 16.39 7.77
C ILE A 282 -28.42 15.82 9.13
N GLU A 283 -27.58 14.92 9.63
CA GLU A 283 -27.84 14.30 10.91
C GLU A 283 -26.57 14.17 11.75
N MET A 284 -26.65 14.63 12.99
CA MET A 284 -25.63 14.31 13.98
C MET A 284 -26.27 13.56 15.13
N HIS A 285 -25.78 12.34 15.36
CA HIS A 285 -26.26 11.46 16.41
C HIS A 285 -27.77 11.33 16.46
N TYR A 286 -28.33 11.11 15.26
CA TYR A 286 -29.76 10.85 15.05
C TYR A 286 -30.64 12.11 15.19
N GLN A 287 -30.01 13.24 15.48
CA GLN A 287 -30.73 14.51 15.53
C GLN A 287 -30.55 15.21 14.20
N GLN A 288 -31.67 15.48 13.53
CA GLN A 288 -31.65 16.19 12.25
C GLN A 288 -31.18 17.63 12.44
N LEU A 289 -30.37 18.11 11.50
CA LEU A 289 -29.80 19.46 11.57
C LEU A 289 -30.15 20.23 10.32
N GLN A 290 -29.99 21.54 10.38
CA GLN A 290 -30.17 22.36 9.18
C GLN A 290 -28.86 22.94 8.70
N GLN A 291 -27.93 23.11 9.64
CA GLN A 291 -26.59 23.56 9.33
C GLN A 291 -25.61 22.69 10.12
N ALA A 292 -24.39 22.58 9.61
CA ALA A 292 -23.33 21.91 10.34
C ALA A 292 -22.06 22.73 10.24
N GLU A 293 -21.36 22.91 11.36
CA GLU A 293 -20.17 23.74 11.41
C GLU A 293 -18.95 22.90 11.78
N PRO A 294 -17.71 23.47 11.70
CA PRO A 294 -16.52 22.69 12.04
C PRO A 294 -16.64 21.99 13.37
N GLY A 295 -16.24 20.72 13.41
CA GLY A 295 -16.36 19.92 14.62
C GLY A 295 -17.55 19.00 14.57
N ASP A 296 -18.56 19.39 13.80
CA ASP A 296 -19.73 18.55 13.65
C ASP A 296 -19.37 17.25 12.94
N ASN A 297 -19.66 16.14 13.60
CA ASN A 297 -19.46 14.82 13.03
C ASN A 297 -20.80 14.34 12.52
N ILE A 298 -20.95 14.24 11.20
CA ILE A 298 -22.29 14.14 10.60
C ILE A 298 -22.47 13.12 9.48
N GLY A 299 -23.73 12.73 9.25
CA GLY A 299 -24.10 12.08 8.02
C GLY A 299 -24.92 13.04 7.18
N PHE A 300 -24.60 13.18 5.90
CA PHE A 300 -25.36 14.07 5.02
C PHE A 300 -25.90 13.41 3.74
N ALA A 301 -27.22 13.29 3.63
CA ALA A 301 -27.82 12.66 2.45
C ALA A 301 -27.54 13.48 1.18
N VAL A 302 -27.26 12.82 0.08
CA VAL A 302 -26.90 13.54 -1.14
C VAL A 302 -27.68 13.10 -2.39
N ARG A 303 -28.61 13.95 -2.83
CA ARG A 303 -29.40 13.71 -4.04
C ARG A 303 -28.50 13.73 -5.26
N GLY A 304 -28.70 12.77 -6.18
CA GLY A 304 -27.97 12.76 -7.43
C GLY A 304 -26.59 12.11 -7.40
N VAL A 305 -26.26 11.44 -6.30
CA VAL A 305 -24.94 10.82 -6.17
C VAL A 305 -25.10 9.34 -5.88
N SER A 306 -24.39 8.49 -6.59
CA SER A 306 -24.50 7.08 -6.30
C SER A 306 -23.41 6.68 -5.31
N LYS A 307 -23.71 5.71 -4.45
CA LYS A 307 -22.72 5.21 -3.50
C LYS A 307 -21.45 4.75 -4.21
N SER A 308 -21.60 4.21 -5.41
CA SER A 308 -20.44 3.75 -6.16
C SER A 308 -19.54 4.90 -6.66
N ASP A 309 -20.08 6.11 -6.76
CA ASP A 309 -19.28 7.27 -7.17
C ASP A 309 -18.29 7.70 -6.09
N ILE A 310 -18.65 7.50 -4.83
CA ILE A 310 -17.87 8.08 -3.73
C ILE A 310 -17.41 7.07 -2.66
N LYS A 311 -16.21 7.28 -2.12
CA LYS A 311 -15.68 6.41 -1.08
C LYS A 311 -14.94 7.16 0.04
N ARG A 312 -14.55 6.41 1.06
CA ARG A 312 -13.77 6.92 2.18
C ARG A 312 -12.52 7.59 1.63
N GLY A 313 -12.18 8.74 2.19
CA GLY A 313 -10.98 9.42 1.75
C GLY A 313 -11.26 10.44 0.67
N ASP A 314 -12.45 10.39 0.07
CA ASP A 314 -12.92 11.47 -0.77
C ASP A 314 -13.24 12.68 0.12
N VAL A 315 -13.22 13.86 -0.47
CA VAL A 315 -13.45 15.09 0.30
C VAL A 315 -14.53 15.96 -0.34
N ALA A 316 -15.48 16.40 0.48
CA ALA A 316 -16.59 17.22 0.02
C ALA A 316 -16.39 18.70 0.34
N GLY A 317 -16.50 19.55 -0.68
CA GLY A 317 -16.47 20.99 -0.50
C GLY A 317 -17.54 21.63 -1.35
N HIS A 318 -17.78 22.93 -1.18
CA HIS A 318 -18.70 23.65 -2.06
C HIS A 318 -18.09 23.79 -3.45
N LEU A 319 -18.93 24.13 -4.42
CA LEU A 319 -18.56 24.10 -5.84
C LEU A 319 -17.59 25.21 -6.23
N ASP A 320 -17.78 26.39 -5.64
CA ASP A 320 -16.92 27.53 -5.94
C ASP A 320 -15.49 27.37 -5.41
N LYS A 321 -15.33 26.69 -4.27
CA LYS A 321 -13.99 26.41 -3.73
C LYS A 321 -13.79 24.90 -3.44
N PRO A 322 -13.68 24.10 -4.52
CA PRO A 322 -13.60 22.63 -4.42
C PRO A 322 -12.28 22.18 -3.77
N PRO A 323 -12.29 21.07 -3.03
CA PRO A 323 -11.09 20.48 -2.43
C PRO A 323 -10.01 20.23 -3.47
N THR A 324 -8.76 20.50 -3.09
CA THR A 324 -7.64 20.42 -4.01
C THR A 324 -7.25 18.97 -4.24
N VAL A 325 -7.12 18.62 -5.51
CA VAL A 325 -6.62 17.32 -5.92
C VAL A 325 -5.17 17.48 -6.29
N ALA A 326 -4.28 16.72 -5.65
CA ALA A 326 -2.84 16.82 -5.91
C ALA A 326 -2.33 16.01 -7.09
N GLU A 327 -1.90 16.68 -8.16
CA GLU A 327 -1.19 15.99 -9.22
C GLU A 327 0.15 15.58 -8.64
N GLU A 328 0.72 16.47 -7.83
CA GLU A 328 1.87 16.13 -7.00
C GLU A 328 1.85 17.09 -5.82
N PHE A 329 2.75 16.88 -4.87
CA PHE A 329 2.80 17.73 -3.68
C PHE A 329 4.14 17.64 -2.98
N GLU A 330 4.43 18.65 -2.17
CA GLU A 330 5.72 18.81 -1.54
C GLU A 330 5.49 18.73 -0.04
N ALA A 331 6.45 18.17 0.69
CA ALA A 331 6.25 18.01 2.13
C ALA A 331 7.55 18.04 2.90
N ARG A 332 7.46 18.50 4.14
CA ARG A 332 8.57 18.35 5.07
C ARG A 332 8.34 17.04 5.84
N ILE A 333 9.30 16.14 5.84
CA ILE A 333 9.12 14.85 6.50
C ILE A 333 10.23 14.52 7.48
N PHE A 334 9.88 13.78 8.53
CA PHE A 334 10.85 13.17 9.42
C PHE A 334 10.72 11.66 9.37
N VAL A 335 11.84 10.95 9.31
CA VAL A 335 11.81 9.51 9.21
C VAL A 335 11.93 8.85 10.57
N ILE A 336 10.82 8.28 11.03
CA ILE A 336 10.78 7.61 12.31
C ILE A 336 11.56 6.28 12.31
N TRP A 337 11.34 5.47 11.28
CA TRP A 337 11.88 4.12 11.26
C TRP A 337 12.00 3.63 9.83
N HIS A 338 13.13 3.00 9.55
CA HIS A 338 13.35 2.33 8.28
C HIS A 338 14.52 1.34 8.36
N PRO A 339 14.30 0.13 7.83
CA PRO A 339 15.30 -0.93 8.00
C PRO A 339 16.52 -0.76 7.08
N SER A 340 16.43 0.12 6.09
CA SER A 340 17.59 0.35 5.22
C SER A 340 17.74 1.83 4.87
N ALA A 341 17.26 2.22 3.70
CA ALA A 341 17.25 3.63 3.34
C ALA A 341 16.10 3.93 2.43
N ILE A 342 15.76 5.21 2.35
CA ILE A 342 14.69 5.69 1.49
C ILE A 342 15.30 6.50 0.35
N THR A 343 14.95 6.17 -0.88
CA THR A 343 15.49 6.89 -2.02
C THR A 343 14.37 7.53 -2.82
N VAL A 344 14.73 8.35 -3.80
CA VAL A 344 13.78 8.72 -4.85
C VAL A 344 13.13 7.43 -5.38
N GLY A 345 11.80 7.43 -5.52
CA GLY A 345 11.09 6.25 -6.00
C GLY A 345 10.36 5.47 -4.93
N TYR A 346 10.69 5.76 -3.67
CA TYR A 346 10.10 5.11 -2.51
C TYR A 346 8.63 5.42 -2.42
N THR A 347 7.83 4.37 -2.20
CA THR A 347 6.38 4.47 -2.27
C THR A 347 5.68 3.82 -1.07
N PRO A 348 5.59 4.56 0.04
CA PRO A 348 4.82 4.13 1.21
C PRO A 348 3.36 4.55 0.99
N VAL A 349 2.41 4.10 1.81
CA VAL A 349 1.10 4.73 1.73
C VAL A 349 1.03 6.00 2.60
N ILE A 350 0.40 7.02 2.04
CA ILE A 350 0.19 8.27 2.72
C ILE A 350 -1.17 8.23 3.39
N HIS A 351 -1.18 8.29 4.72
CA HIS A 351 -2.41 8.49 5.48
C HIS A 351 -2.62 9.98 5.80
N VAL A 352 -3.55 10.60 5.08
CA VAL A 352 -3.89 12.01 5.25
C VAL A 352 -5.42 12.15 5.38
N HIS A 353 -5.85 13.00 6.32
CA HIS A 353 -7.24 13.06 6.79
C HIS A 353 -7.85 11.62 6.83
N THR A 354 -8.92 11.35 6.08
CA THR A 354 -9.49 10.00 6.07
C THR A 354 -8.91 9.11 4.96
N ALA A 355 -8.06 9.68 4.10
CA ALA A 355 -7.54 8.93 2.94
C ALA A 355 -6.26 8.13 3.23
N SER A 356 -5.95 7.19 2.34
CA SER A 356 -4.72 6.44 2.39
C SER A 356 -4.34 5.94 1.01
N VAL A 357 -3.39 6.61 0.38
CA VAL A 357 -3.07 6.36 -1.01
C VAL A 357 -1.57 6.26 -1.16
N SER A 358 -1.08 5.19 -1.78
CA SER A 358 0.35 5.11 -2.04
C SER A 358 0.79 6.33 -2.87
N SER A 359 2.00 6.83 -2.57
CA SER A 359 2.57 8.01 -3.23
C SER A 359 4.05 7.83 -3.43
N ARG A 360 4.52 8.14 -4.64
CA ARG A 360 5.92 7.90 -4.97
C ARG A 360 6.76 9.15 -4.73
N ILE A 361 7.89 8.97 -4.04
CA ILE A 361 8.84 10.08 -3.88
C ILE A 361 9.56 10.30 -5.21
N ILE A 362 9.20 11.39 -5.88
CA ILE A 362 9.82 11.70 -7.17
C ILE A 362 11.16 12.48 -7.04
N GLU A 363 11.34 13.22 -5.94
CA GLU A 363 12.64 13.82 -5.61
C GLU A 363 12.79 14.17 -4.14
N ILE A 364 14.03 14.14 -3.67
CA ILE A 364 14.40 14.57 -2.34
C ILE A 364 15.20 15.88 -2.45
N LYS A 365 14.50 17.01 -2.38
CA LYS A 365 15.14 18.32 -2.61
C LYS A 365 16.25 18.65 -1.62
N ALA A 366 16.05 18.33 -0.34
CA ALA A 366 17.06 18.62 0.68
C ALA A 366 16.90 17.81 1.98
N LYS A 367 18.03 17.39 2.55
CA LYS A 367 18.08 16.85 3.90
C LYS A 367 18.18 18.04 4.86
N LEU A 368 17.45 17.97 5.97
CA LEU A 368 17.48 19.04 6.96
C LEU A 368 17.98 18.50 8.30
N ASP A 369 18.58 19.37 9.10
CA ASP A 369 18.83 19.03 10.50
C ASP A 369 17.47 19.01 11.20
N PRO A 370 17.10 17.84 11.75
CA PRO A 370 15.77 17.61 12.34
C PRO A 370 15.34 18.63 13.40
N LYS A 371 16.27 19.33 14.05
CA LYS A 371 15.94 20.26 15.13
C LYS A 371 15.91 21.73 14.69
N THR A 372 16.77 22.09 13.75
CA THR A 372 16.94 23.48 13.34
C THR A 372 16.23 23.82 12.04
N GLY A 373 16.20 22.88 11.11
CA GLY A 373 15.46 23.06 9.87
C GLY A 373 16.30 23.58 8.73
N GLN A 374 17.58 23.81 8.99
CA GLN A 374 18.49 24.25 7.95
C GLN A 374 18.85 23.10 7.00
N VAL A 375 19.06 23.43 5.73
CA VAL A 375 19.56 22.46 4.76
C VAL A 375 20.95 21.98 5.15
N VAL A 376 21.15 20.67 5.14
CA VAL A 376 22.44 20.08 5.49
C VAL A 376 23.01 19.41 4.24
N GLU A 377 22.16 19.24 3.23
CA GLU A 377 22.58 18.70 1.93
C GLU A 377 21.52 18.77 0.85
N GLN A 378 21.85 19.42 -0.27
CA GLN A 378 20.99 19.42 -1.45
C GLN A 378 20.97 18.04 -2.05
N ASN A 379 19.80 17.66 -2.60
CA ASN A 379 19.57 16.35 -3.20
C ASN A 379 20.38 15.19 -2.63
N PRO A 380 20.12 14.83 -1.37
CA PRO A 380 20.83 13.71 -0.76
C PRO A 380 20.67 12.42 -1.55
N GLN A 381 21.65 11.53 -1.44
CA GLN A 381 21.63 10.32 -2.24
C GLN A 381 20.52 9.43 -1.68
N PHE A 382 20.26 9.58 -0.39
CA PHE A 382 19.17 8.90 0.29
C PHE A 382 18.83 9.58 1.63
N LEU A 383 17.77 9.09 2.26
CA LEU A 383 17.43 9.44 3.63
C LEU A 383 17.51 8.17 4.47
N LYS A 384 17.71 8.33 5.77
CA LYS A 384 17.60 7.20 6.69
C LYS A 384 16.89 7.59 7.98
N ALA A 385 16.65 6.60 8.83
CA ALA A 385 15.99 6.83 10.10
C ALA A 385 16.71 7.92 10.87
N GLY A 386 15.96 8.94 11.26
CA GLY A 386 16.51 10.07 11.97
C GLY A 386 16.59 11.34 11.12
N ASP A 387 16.54 11.17 9.80
CA ASP A 387 16.64 12.31 8.92
C ASP A 387 15.34 13.06 8.82
N ALA A 388 15.46 14.36 8.53
CA ALA A 388 14.34 15.19 8.14
C ALA A 388 14.64 15.72 6.73
N ALA A 389 13.60 16.07 5.97
CA ALA A 389 13.82 16.40 4.57
C ALA A 389 12.66 17.18 3.97
N ILE A 390 12.89 17.80 2.82
CA ILE A 390 11.83 18.36 2.01
C ILE A 390 11.78 17.48 0.77
N VAL A 391 10.62 16.89 0.49
CA VAL A 391 10.53 15.91 -0.60
C VAL A 391 9.34 16.19 -1.49
N ARG A 392 9.41 15.69 -2.72
CA ARG A 392 8.26 15.78 -3.61
C ARG A 392 7.52 14.43 -3.70
N PHE A 393 6.19 14.50 -3.73
CA PHE A 393 5.35 13.31 -3.73
C PHE A 393 4.38 13.29 -4.92
N LYS A 394 4.37 12.18 -5.66
CA LYS A 394 3.33 11.93 -6.66
C LYS A 394 2.44 10.77 -6.24
N PRO A 395 1.18 11.06 -5.86
CA PRO A 395 0.24 10.01 -5.44
C PRO A 395 -0.01 9.00 -6.58
N VAL A 396 -0.10 7.72 -6.24
CA VAL A 396 -0.33 6.69 -7.24
C VAL A 396 -1.73 6.79 -7.86
N LYS A 397 -2.72 7.15 -7.06
CA LYS A 397 -4.06 7.45 -7.58
C LYS A 397 -4.46 8.84 -7.08
N PRO A 398 -5.43 9.50 -7.74
CA PRO A 398 -5.88 10.84 -7.33
C PRO A 398 -6.09 10.99 -5.82
N LEU A 399 -5.45 12.02 -5.25
CA LEU A 399 -5.53 12.24 -3.82
C LEU A 399 -5.83 13.71 -3.52
N VAL A 400 -6.70 13.93 -2.54
CA VAL A 400 -6.92 15.27 -2.04
C VAL A 400 -5.99 15.63 -0.89
N VAL A 401 -5.24 16.73 -1.05
CA VAL A 401 -4.47 17.38 0.04
C VAL A 401 -4.51 18.91 0.02
N GLU A 402 -4.44 19.53 1.20
CA GLU A 402 -4.27 20.97 1.28
C GLU A 402 -2.91 21.30 1.92
N LYS A 403 -2.43 22.53 1.70
CA LYS A 403 -1.22 23.04 2.38
C LYS A 403 -1.49 23.14 3.86
N PHE A 404 -0.50 22.74 4.65
CA PHE A 404 -0.66 22.77 6.10
C PHE A 404 -0.97 24.19 6.55
N SER A 405 -0.26 25.15 5.95
CA SER A 405 -0.45 26.58 6.26
C SER A 405 -1.88 27.08 5.97
N GLU A 406 -2.54 26.48 4.99
CA GLU A 406 -3.91 26.84 4.66
C GLU A 406 -4.96 26.05 5.47
N ILE A 407 -5.06 24.75 5.22
CA ILE A 407 -5.96 23.87 5.99
C ILE A 407 -5.19 22.73 6.65
N PRO A 408 -4.70 22.95 7.86
CA PRO A 408 -3.81 21.98 8.50
C PRO A 408 -4.43 20.59 8.67
N GLN A 409 -5.74 20.49 8.72
CA GLN A 409 -6.32 19.17 8.97
C GLN A 409 -6.38 18.31 7.73
N LEU A 410 -5.96 18.86 6.61
CA LEU A 410 -5.83 18.08 5.38
C LEU A 410 -4.41 18.15 4.92
N GLY A 411 -3.52 18.54 5.82
CA GLY A 411 -2.16 18.84 5.44
C GLY A 411 -1.09 18.23 6.33
N ARG A 412 -1.50 17.25 7.14
CA ARG A 412 -0.57 16.49 7.96
C ARG A 412 -0.78 15.00 7.67
N PHE A 413 0.29 14.21 7.71
CA PHE A 413 0.21 12.86 7.19
C PHE A 413 1.22 11.90 7.81
N ALA A 414 0.90 10.61 7.78
CA ALA A 414 1.86 9.58 8.11
C ALA A 414 2.23 8.79 6.87
N MET A 415 3.41 8.20 6.90
CA MET A 415 3.86 7.38 5.81
C MET A 415 4.00 6.00 6.42
N ARG A 416 3.37 5.00 5.79
CA ARG A 416 3.46 3.64 6.30
C ARG A 416 3.80 2.68 5.19
N ASP A 417 4.53 1.63 5.56
CA ASP A 417 5.00 0.65 4.62
C ASP A 417 5.29 -0.64 5.36
N MET A 418 5.05 -1.77 4.69
CA MET A 418 5.09 -3.10 5.30
C MET A 418 4.44 -3.15 6.71
N ASN A 419 3.29 -2.50 6.81
CA ASN A 419 2.56 -2.40 8.08
C ASN A 419 3.36 -1.86 9.27
N ARG A 420 4.11 -0.80 9.00
CA ARG A 420 4.75 -0.04 10.06
C ARG A 420 4.69 1.44 9.74
N THR A 421 4.73 2.28 10.77
CA THR A 421 4.80 3.70 10.54
C THR A 421 6.27 4.08 10.30
N VAL A 422 6.55 4.63 9.12
CA VAL A 422 7.92 4.86 8.70
C VAL A 422 8.31 6.31 8.95
N GLY A 423 7.39 7.21 8.65
CA GLY A 423 7.67 8.62 8.74
C GLY A 423 6.45 9.48 8.96
N ILE A 424 6.68 10.77 9.21
CA ILE A 424 5.58 11.69 9.44
C ILE A 424 5.82 12.95 8.58
N GLY A 425 4.77 13.71 8.32
CA GLY A 425 4.90 14.82 7.39
C GLY A 425 3.88 15.93 7.47
N ILE A 426 4.26 17.10 6.99
CA ILE A 426 3.30 18.17 6.78
C ILE A 426 3.45 18.65 5.34
N VAL A 427 2.35 18.92 4.66
CA VAL A 427 2.46 19.35 3.27
C VAL A 427 2.67 20.86 3.16
N THR A 428 3.76 21.21 2.49
CA THR A 428 4.25 22.58 2.41
C THR A 428 3.83 23.23 1.10
N ASP A 429 3.42 22.41 0.13
CA ASP A 429 2.94 22.88 -1.17
C ASP A 429 2.21 21.79 -1.99
N VAL A 430 1.21 22.20 -2.76
CA VAL A 430 0.46 21.28 -3.63
C VAL A 430 0.35 21.78 -5.07
N LYS A 431 0.74 20.96 -6.04
CA LYS A 431 0.41 21.23 -7.44
C LYS A 431 -0.92 20.61 -7.84
N PRO A 432 -1.95 21.45 -8.10
CA PRO A 432 -3.31 20.97 -8.36
C PRO A 432 -3.44 20.25 -9.68
N ALA A 433 -4.32 19.26 -9.71
CA ALA A 433 -4.66 18.52 -10.91
C ALA A 433 -5.37 19.42 -11.90
N ARG B 9 27.32 -7.75 -28.73
CA ARG B 9 26.87 -6.68 -29.61
C ARG B 9 25.41 -6.86 -30.01
N LEU B 10 25.01 -8.12 -30.18
CA LEU B 10 23.67 -8.46 -30.67
C LEU B 10 22.76 -9.03 -29.60
N THR B 11 23.36 -9.64 -28.57
CA THR B 11 22.59 -10.41 -27.58
C THR B 11 21.59 -9.54 -26.81
N ILE B 12 20.34 -9.98 -26.79
CA ILE B 12 19.32 -9.31 -26.00
C ILE B 12 18.97 -10.15 -24.78
N SER B 13 18.26 -9.54 -23.84
CA SER B 13 17.82 -10.23 -22.64
C SER B 13 16.40 -10.72 -22.83
N LYS B 14 15.92 -11.53 -21.89
CA LYS B 14 14.57 -12.06 -21.94
C LYS B 14 13.50 -10.97 -21.86
N ARG B 15 13.78 -9.90 -21.12
CA ARG B 15 12.84 -8.78 -21.06
C ARG B 15 12.80 -8.10 -22.43
N GLU B 16 13.98 -7.84 -23.00
CA GLU B 16 14.10 -7.24 -24.33
C GLU B 16 13.45 -8.11 -25.41
N LEU B 17 13.47 -9.43 -25.19
CA LEU B 17 12.87 -10.37 -26.12
C LEU B 17 11.35 -10.30 -26.09
N ALA B 18 10.82 -10.28 -24.87
CA ALA B 18 9.38 -10.27 -24.68
C ALA B 18 8.77 -9.02 -25.31
N ARG B 19 9.52 -7.92 -25.24
CA ARG B 19 9.06 -6.65 -25.78
C ARG B 19 9.00 -6.74 -27.29
N LEU B 20 10.11 -7.21 -27.87
CA LEU B 20 10.21 -7.41 -29.30
C LEU B 20 9.14 -8.38 -29.81
N LEU B 21 8.99 -9.50 -29.10
CA LEU B 21 7.97 -10.47 -29.48
C LEU B 21 6.59 -9.82 -29.65
N LYS B 22 6.32 -8.79 -28.87
CA LYS B 22 5.04 -8.10 -28.94
C LYS B 22 4.88 -7.33 -30.25
N GLU B 23 5.99 -6.81 -30.80
CA GLU B 23 5.93 -6.15 -32.09
C GLU B 23 5.85 -7.18 -33.23
N LEU B 24 6.80 -8.11 -33.26
CA LEU B 24 6.86 -9.18 -34.26
C LEU B 24 5.54 -9.92 -34.52
N LYS B 25 4.75 -10.15 -33.48
CA LYS B 25 3.47 -10.85 -33.67
C LYS B 25 2.42 -10.01 -34.39
N LYS B 26 2.72 -8.74 -34.67
CA LYS B 26 1.80 -7.85 -35.37
C LYS B 26 2.06 -7.92 -36.87
N TRP B 27 3.24 -8.40 -37.23
CA TRP B 27 3.63 -8.44 -38.62
C TRP B 27 2.85 -9.50 -39.39
N SER B 28 2.34 -9.11 -40.56
CA SER B 28 1.65 -10.05 -41.42
C SER B 28 1.83 -9.69 -42.88
N ALA B 29 1.68 -10.68 -43.74
CA ALA B 29 1.89 -10.51 -45.17
C ALA B 29 0.86 -11.33 -45.94
N PRO B 30 0.41 -10.83 -47.10
CA PRO B 30 -0.66 -11.53 -47.84
C PRO B 30 -0.21 -12.86 -48.41
N ALA B 31 1.09 -13.07 -48.51
CA ALA B 31 1.63 -14.32 -49.01
C ALA B 31 2.81 -14.77 -48.14
N THR B 32 3.43 -15.88 -48.52
CA THR B 32 4.47 -16.48 -47.69
C THR B 32 5.82 -15.77 -47.88
N VAL B 33 5.88 -14.50 -47.48
CA VAL B 33 7.01 -13.65 -47.83
C VAL B 33 7.71 -13.01 -46.64
N LEU B 34 7.33 -13.42 -45.43
CA LEU B 34 8.08 -13.03 -44.25
C LEU B 34 9.15 -14.08 -43.96
N LEU B 35 10.39 -13.64 -43.82
CA LEU B 35 11.50 -14.54 -43.57
C LEU B 35 11.81 -14.70 -42.08
N SER B 36 11.83 -15.95 -41.62
CA SER B 36 12.26 -16.31 -40.27
C SER B 36 13.49 -17.20 -40.40
N LEU B 37 14.54 -16.87 -39.66
CA LEU B 37 15.82 -17.56 -39.78
C LEU B 37 16.53 -17.71 -38.43
N TYR B 38 16.88 -18.95 -38.11
CA TYR B 38 17.51 -19.30 -36.85
C TYR B 38 18.79 -20.04 -37.14
N ILE B 39 19.89 -19.53 -36.61
CA ILE B 39 21.18 -20.13 -36.89
C ILE B 39 21.81 -20.52 -35.56
N PRO B 40 22.03 -21.82 -35.35
CA PRO B 40 22.62 -22.24 -34.08
C PRO B 40 24.04 -21.70 -33.96
N PRO B 41 24.54 -21.51 -32.73
CA PRO B 41 25.90 -20.98 -32.59
C PRO B 41 26.93 -21.89 -33.24
N GLY B 42 28.00 -21.32 -33.77
CA GLY B 42 29.05 -22.12 -34.37
C GLY B 42 28.73 -22.64 -35.76
N ARG B 43 27.77 -22.01 -36.43
CA ARG B 43 27.54 -22.31 -37.83
C ARG B 43 28.38 -21.33 -38.62
N PRO B 44 29.30 -21.84 -39.47
CA PRO B 44 30.03 -20.95 -40.35
C PRO B 44 29.05 -20.11 -41.16
N LEU B 45 29.08 -18.80 -40.94
CA LEU B 45 28.14 -17.88 -41.57
C LEU B 45 28.28 -17.87 -43.07
N SER B 46 29.39 -18.41 -43.56
CA SER B 46 29.58 -18.57 -44.98
C SER B 46 28.74 -19.75 -45.51
N ASP B 47 28.21 -20.57 -44.60
CA ASP B 47 27.39 -21.72 -44.99
C ASP B 47 25.92 -21.35 -45.00
N VAL B 48 25.53 -20.50 -44.05
CA VAL B 48 24.21 -19.91 -44.06
C VAL B 48 24.06 -19.10 -45.34
N MET B 49 25.13 -18.38 -45.66
CA MET B 49 25.19 -17.54 -46.84
C MET B 49 25.00 -18.32 -48.12
N THR B 50 25.63 -19.49 -48.20
CA THR B 50 25.44 -20.34 -49.36
C THR B 50 23.98 -20.81 -49.46
N LEU B 51 23.32 -20.99 -48.32
CA LEU B 51 21.95 -21.50 -48.35
C LEU B 51 20.95 -20.41 -48.80
N LEU B 52 21.08 -19.23 -48.22
CA LEU B 52 20.26 -18.09 -48.63
C LEU B 52 20.40 -17.84 -50.13
N ARG B 53 21.62 -18.00 -50.65
CA ARG B 53 21.85 -17.91 -52.08
C ARG B 53 21.10 -18.95 -52.90
N GLN B 54 21.07 -20.21 -52.45
CA GLN B 54 20.31 -21.22 -53.18
C GLN B 54 18.81 -20.88 -53.14
N GLU B 55 18.37 -20.39 -51.99
CA GLU B 55 17.00 -19.90 -51.82
C GLU B 55 16.67 -18.78 -52.80
N TYR B 56 17.58 -17.81 -52.92
CA TYR B 56 17.40 -16.70 -53.84
C TYR B 56 17.21 -17.19 -55.28
N SER B 57 17.97 -18.21 -55.66
CA SER B 57 17.91 -18.78 -57.00
C SER B 57 16.52 -19.29 -57.35
N ILE B 58 15.87 -19.87 -56.36
CA ILE B 58 14.57 -20.51 -56.55
C ILE B 58 13.48 -19.45 -56.74
N THR B 59 13.70 -18.24 -56.24
CA THR B 59 12.67 -17.18 -56.27
C THR B 59 12.08 -16.89 -57.66
N ASP B 60 12.87 -17.00 -58.71
CA ASP B 60 12.35 -16.76 -60.05
C ASP B 60 11.26 -17.76 -60.47
N ASN B 61 11.18 -18.88 -59.74
CA ASN B 61 10.07 -19.81 -59.94
C ASN B 61 8.73 -19.30 -59.41
N ILE B 62 8.78 -18.35 -58.47
CA ILE B 62 7.55 -17.74 -57.96
C ILE B 62 6.90 -16.90 -59.04
N LYS B 63 5.75 -17.35 -59.52
CA LYS B 63 5.04 -16.71 -60.64
C LYS B 63 4.47 -15.32 -60.32
N LEU B 64 3.93 -15.11 -59.13
CA LEU B 64 3.35 -13.81 -58.80
C LEU B 64 4.43 -12.75 -58.48
N LYS B 65 4.53 -11.73 -59.35
CA LYS B 65 5.59 -10.71 -59.23
C LYS B 65 5.69 -10.02 -57.85
N ARG B 66 4.57 -9.58 -57.30
CA ARG B 66 4.64 -8.88 -56.01
C ARG B 66 5.06 -9.84 -54.87
N THR B 67 4.89 -11.13 -55.08
CA THR B 67 5.33 -12.11 -54.09
C THR B 67 6.82 -12.38 -54.24
N ARG B 68 7.21 -12.63 -55.47
CA ARG B 68 8.59 -12.87 -55.80
C ARG B 68 9.53 -11.70 -55.40
N GLN B 69 9.03 -10.47 -55.46
CA GLN B 69 9.86 -9.31 -55.12
C GLN B 69 10.01 -9.15 -53.63
N ALA B 70 8.93 -9.41 -52.91
CA ALA B 70 8.94 -9.30 -51.46
C ALA B 70 9.90 -10.34 -50.87
N VAL B 71 10.05 -11.47 -51.53
CA VAL B 71 10.91 -12.55 -51.05
C VAL B 71 12.38 -12.30 -51.39
N LYS B 72 12.65 -11.86 -52.61
CA LYS B 72 13.99 -11.42 -53.01
C LYS B 72 14.52 -10.32 -52.08
N ARG B 73 13.67 -9.34 -51.78
CA ARG B 73 14.03 -8.21 -50.95
C ARG B 73 14.42 -8.67 -49.55
N ALA B 74 13.58 -9.50 -48.95
CA ALA B 74 13.83 -9.99 -47.58
C ALA B 74 15.11 -10.84 -47.51
N LEU B 75 15.38 -11.62 -48.55
CA LEU B 75 16.58 -12.46 -48.57
C LEU B 75 17.82 -11.60 -48.69
N SER B 76 17.70 -10.49 -49.41
CA SER B 76 18.82 -9.58 -49.65
C SER B 76 19.16 -8.81 -48.40
N ALA B 77 18.14 -8.28 -47.75
CA ALA B 77 18.34 -7.55 -46.50
C ALA B 77 18.90 -8.47 -45.41
N ALA B 78 18.62 -9.77 -45.51
CA ALA B 78 19.18 -10.73 -44.57
C ALA B 78 20.64 -11.04 -44.91
N MET B 79 20.89 -11.32 -46.17
CA MET B 79 22.25 -11.53 -46.64
C MET B 79 23.13 -10.30 -46.41
N ASP B 80 22.50 -9.13 -46.25
CA ASP B 80 23.24 -7.92 -45.93
C ASP B 80 23.61 -7.79 -44.46
N ARG B 81 22.62 -7.87 -43.57
CA ARG B 81 22.89 -7.90 -42.14
C ARG B 81 23.88 -9.03 -41.77
N LEU B 82 23.91 -10.09 -42.55
CA LEU B 82 24.80 -11.22 -42.26
C LEU B 82 26.21 -10.96 -42.74
N GLN B 83 26.31 -10.26 -43.87
CA GLN B 83 27.60 -10.04 -44.52
C GLN B 83 28.51 -9.26 -43.58
N MET B 84 27.90 -8.54 -42.66
CA MET B 84 28.60 -7.68 -41.73
C MET B 84 29.21 -8.41 -40.54
N LEU B 85 28.81 -9.66 -40.34
CA LEU B 85 29.31 -10.42 -39.21
C LEU B 85 30.42 -11.37 -39.63
N THR B 86 31.40 -11.54 -38.74
CA THR B 86 32.49 -12.49 -38.98
C THR B 86 32.05 -13.90 -38.61
N SER B 87 31.46 -14.05 -37.43
CA SER B 87 30.93 -15.32 -36.98
C SER B 87 29.72 -15.06 -36.09
N THR B 88 29.01 -16.12 -35.75
CA THR B 88 27.83 -15.98 -34.89
C THR B 88 28.26 -15.75 -33.44
N PRO B 89 27.48 -14.94 -32.70
CA PRO B 89 27.52 -14.74 -31.25
C PRO B 89 27.36 -16.08 -30.52
N PRO B 90 27.60 -16.09 -29.19
CA PRO B 90 27.56 -17.35 -28.42
C PRO B 90 26.25 -18.11 -28.49
N ASN B 91 25.12 -17.41 -28.50
CA ASN B 91 23.84 -18.12 -28.52
C ASN B 91 23.22 -18.33 -29.93
N GLY B 92 24.01 -18.11 -30.97
CA GLY B 92 23.53 -18.15 -32.34
C GLY B 92 22.85 -16.86 -32.76
N LEU B 93 22.09 -16.90 -33.84
CA LEU B 93 21.42 -15.70 -34.37
C LEU B 93 20.01 -16.00 -34.84
N VAL B 94 19.10 -15.05 -34.64
CA VAL B 94 17.82 -15.11 -35.32
C VAL B 94 17.58 -13.85 -36.16
N LEU B 95 17.03 -14.04 -37.36
CA LEU B 95 16.67 -12.92 -38.23
C LEU B 95 15.23 -12.97 -38.70
N PHE B 96 14.53 -11.86 -38.54
CA PHE B 96 13.19 -11.70 -39.04
C PHE B 96 13.19 -10.55 -40.01
N CYS B 97 12.69 -10.79 -41.22
CA CYS B 97 12.77 -9.79 -42.25
C CYS B 97 11.63 -9.85 -43.27
N GLY B 98 11.10 -8.68 -43.62
CA GLY B 98 10.06 -8.56 -44.62
C GLY B 98 9.27 -7.29 -44.39
N GLU B 99 8.21 -7.11 -45.18
CA GLU B 99 7.41 -5.89 -45.09
C GLU B 99 6.03 -6.20 -44.51
N ASP B 100 5.62 -5.43 -43.51
CA ASP B 100 4.33 -5.62 -42.89
C ASP B 100 3.23 -4.99 -43.76
N MET B 101 2.21 -5.78 -44.11
CA MET B 101 1.26 -5.37 -45.14
C MET B 101 0.36 -4.22 -44.73
N SER B 102 0.00 -4.18 -43.45
CA SER B 102 -0.99 -3.22 -43.01
C SER B 102 -0.34 -1.85 -42.78
N THR B 103 0.90 -1.86 -42.28
CA THR B 103 1.62 -0.63 -41.97
C THR B 103 2.47 -0.16 -43.14
N GLY B 104 3.02 -1.10 -43.91
CA GLY B 104 3.86 -0.76 -45.03
C GLY B 104 5.34 -0.83 -44.71
N LYS B 105 5.67 -0.96 -43.43
CA LYS B 105 7.08 -0.87 -43.04
C LYS B 105 7.86 -2.17 -43.25
N PHE B 106 9.04 -2.00 -43.81
CA PHE B 106 9.96 -3.10 -44.07
C PHE B 106 11.13 -3.06 -43.09
N GLU B 107 11.38 -4.18 -42.40
CA GLU B 107 12.51 -4.25 -41.48
C GLU B 107 13.22 -5.60 -41.46
N CYS B 108 14.51 -5.57 -41.16
CA CYS B 108 15.29 -6.78 -40.93
C CYS B 108 15.84 -6.80 -39.50
N PHE B 109 15.12 -7.43 -38.57
CA PHE B 109 15.60 -7.55 -37.20
C PHE B 109 16.66 -8.64 -37.14
N MET B 110 17.75 -8.37 -36.41
CA MET B 110 18.76 -9.39 -36.14
C MET B 110 19.26 -9.29 -34.71
N PHE B 111 19.42 -10.45 -34.06
CA PHE B 111 19.85 -10.48 -32.67
C PHE B 111 20.27 -11.86 -32.23
N SER B 112 20.91 -11.94 -31.07
CA SER B 112 21.19 -13.22 -30.46
C SER B 112 20.27 -13.36 -29.26
N PRO B 113 19.69 -14.55 -29.08
CA PRO B 113 18.69 -14.77 -28.03
C PRO B 113 19.36 -14.98 -26.68
N PRO B 114 18.62 -14.80 -25.57
CA PRO B 114 19.10 -15.04 -24.20
C PRO B 114 19.61 -16.48 -24.04
N GLU B 115 18.95 -17.41 -24.70
CA GLU B 115 19.31 -18.80 -24.63
C GLU B 115 19.67 -19.32 -26.03
N PRO B 116 20.47 -20.39 -26.11
CA PRO B 116 21.02 -20.80 -27.40
C PRO B 116 19.99 -21.51 -28.25
N ILE B 117 20.10 -21.35 -29.56
CA ILE B 117 19.21 -22.03 -30.49
C ILE B 117 19.83 -23.35 -30.96
N ARG B 118 19.02 -24.41 -30.96
CA ARG B 118 19.56 -25.76 -31.20
C ARG B 118 19.35 -26.32 -32.61
N VAL B 119 18.54 -25.66 -33.44
CA VAL B 119 18.36 -26.13 -34.81
C VAL B 119 18.45 -25.00 -35.81
N PHE B 120 18.98 -25.31 -36.99
CA PHE B 120 18.85 -24.40 -38.11
C PHE B 120 17.40 -24.41 -38.59
N TYR B 121 16.85 -23.24 -38.85
CA TYR B 121 15.44 -23.12 -39.20
C TYR B 121 15.25 -21.98 -40.17
N TYR B 122 14.70 -22.29 -41.33
CA TYR B 122 14.49 -21.31 -42.38
C TYR B 122 13.03 -21.39 -42.80
N ARG B 123 12.34 -20.26 -42.85
CA ARG B 123 10.96 -20.28 -43.31
C ARG B 123 10.47 -18.96 -43.87
N THR B 124 9.72 -19.07 -44.96
CA THR B 124 8.94 -17.95 -45.46
C THR B 124 7.45 -18.19 -45.19
N ASP B 125 6.82 -17.26 -44.49
CA ASP B 125 5.41 -17.40 -44.17
C ASP B 125 4.65 -16.06 -44.13
N LYS B 126 3.34 -16.12 -43.91
CA LYS B 126 2.52 -14.92 -43.78
C LYS B 126 2.76 -14.22 -42.46
N ARG B 127 3.45 -14.89 -41.55
CA ARG B 127 3.83 -14.31 -40.26
C ARG B 127 5.27 -14.71 -39.90
N PHE B 128 5.87 -13.99 -38.95
CA PHE B 128 7.15 -14.44 -38.42
C PHE B 128 6.92 -15.66 -37.51
N ILE B 129 7.80 -16.65 -37.60
CA ILE B 129 7.67 -17.85 -36.76
C ILE B 129 8.48 -17.69 -35.48
N THR B 130 7.78 -17.43 -34.38
CA THR B 130 8.42 -17.01 -33.15
C THR B 130 8.34 -18.01 -32.03
N ASP B 131 7.70 -19.16 -32.28
CA ASP B 131 7.42 -20.17 -31.25
C ASP B 131 8.60 -20.45 -30.32
N PHE B 132 9.78 -20.66 -30.88
CA PHE B 132 10.96 -20.99 -30.07
C PHE B 132 11.28 -19.86 -29.09
N LEU B 133 10.98 -18.64 -29.51
CA LEU B 133 11.27 -17.46 -28.70
C LEU B 133 10.16 -17.22 -27.68
N GLU B 134 8.94 -17.64 -27.99
CA GLU B 134 7.86 -17.54 -27.02
C GLU B 134 8.14 -18.53 -25.89
N ASP B 135 8.50 -19.77 -26.26
CA ASP B 135 8.86 -20.80 -25.28
C ASP B 135 10.06 -20.38 -24.42
N MET B 136 10.89 -19.48 -24.93
CA MET B 136 12.10 -19.07 -24.24
C MET B 136 11.85 -18.01 -23.17
N VAL B 137 10.73 -17.31 -23.28
CA VAL B 137 10.46 -16.16 -22.42
C VAL B 137 9.39 -16.44 -21.37
N GLU B 138 8.44 -17.32 -21.68
CA GLU B 138 7.48 -17.80 -20.69
C GLU B 138 8.14 -18.82 -19.76
N ASP B 139 8.31 -18.45 -18.49
CA ASP B 139 8.93 -19.33 -17.50
C ASP B 139 7.92 -20.23 -16.79
N ASN B 140 6.64 -20.02 -17.09
CA ASN B 140 5.56 -20.83 -16.53
C ASN B 140 5.58 -20.86 -15.02
N ASN B 141 5.83 -19.71 -14.41
CA ASN B 141 5.89 -19.65 -12.97
C ASN B 141 5.03 -18.51 -12.40
N ALA B 142 4.00 -18.11 -13.14
CA ALA B 142 3.14 -17.02 -12.70
C ALA B 142 2.35 -17.39 -11.43
N ILE B 143 2.20 -16.41 -10.53
CA ILE B 143 1.40 -16.61 -9.31
C ILE B 143 0.26 -15.61 -9.29
N GLY B 144 -0.98 -16.09 -9.18
CA GLY B 144 -2.11 -15.21 -9.01
C GLY B 144 -2.25 -14.80 -7.56
N ILE B 145 -2.71 -13.57 -7.30
CA ILE B 145 -2.88 -13.12 -5.91
C ILE B 145 -4.21 -12.44 -5.76
N ILE B 146 -4.94 -12.85 -4.73
CA ILE B 146 -6.24 -12.26 -4.42
C ILE B 146 -6.21 -11.79 -2.99
N ILE B 147 -6.37 -10.49 -2.79
CA ILE B 147 -6.49 -9.95 -1.45
C ILE B 147 -7.95 -9.65 -1.12
N VAL B 148 -8.45 -10.27 -0.06
CA VAL B 148 -9.86 -10.21 0.25
C VAL B 148 -10.09 -9.55 1.59
N GLU B 149 -11.06 -8.65 1.62
CA GLU B 149 -11.59 -8.07 2.84
C GLU B 149 -13.08 -8.18 2.71
N ARG B 150 -13.78 -7.80 3.77
CA ARG B 150 -15.24 -7.84 3.77
C ARG B 150 -15.91 -6.96 2.69
N ASP B 151 -15.23 -5.88 2.30
CA ASP B 151 -15.80 -4.93 1.35
C ASP B 151 -14.81 -4.47 0.26
N GLN B 152 -13.62 -5.05 0.27
CA GLN B 152 -12.61 -4.70 -0.71
C GLN B 152 -11.89 -5.92 -1.22
N ALA B 153 -11.49 -5.87 -2.48
CA ALA B 153 -10.57 -6.88 -2.96
C ALA B 153 -9.59 -6.31 -3.95
N THR B 154 -8.45 -6.98 -4.06
CA THR B 154 -7.46 -6.61 -5.06
C THR B 154 -7.01 -7.86 -5.73
N ILE B 155 -7.00 -7.87 -7.05
CA ILE B 155 -6.46 -9.01 -7.77
C ILE B 155 -5.19 -8.61 -8.50
N GLY B 156 -4.12 -9.36 -8.25
CA GLY B 156 -2.84 -9.05 -8.87
C GLY B 156 -2.13 -10.27 -9.39
N LEU B 157 -1.02 -10.03 -10.08
CA LEU B 157 -0.27 -11.10 -10.72
C LEU B 157 1.23 -10.95 -10.54
N LEU B 158 1.89 -12.06 -10.18
CA LEU B 158 3.34 -12.09 -10.07
C LEU B 158 3.97 -12.98 -11.14
N LYS B 159 4.88 -12.43 -11.94
CA LYS B 159 5.80 -13.23 -12.76
C LYS B 159 7.22 -12.73 -12.61
N GLY B 160 8.10 -13.58 -12.11
CA GLY B 160 9.48 -13.20 -11.87
C GLY B 160 9.54 -12.20 -10.74
N ALA B 161 10.03 -11.00 -11.05
CA ALA B 161 10.10 -9.93 -10.07
C ALA B 161 9.13 -8.83 -10.43
N ARG B 162 8.31 -9.08 -11.46
CA ARG B 162 7.31 -8.13 -11.91
C ARG B 162 5.97 -8.34 -11.20
N LEU B 163 5.59 -7.39 -10.34
CA LEU B 163 4.33 -7.45 -9.61
C LEU B 163 3.36 -6.43 -10.18
N GLU B 164 2.10 -6.82 -10.38
CA GLU B 164 1.10 -5.88 -10.87
C GLU B 164 -0.34 -6.14 -10.41
N VAL B 165 -1.06 -5.04 -10.18
CA VAL B 165 -2.49 -5.04 -9.93
C VAL B 165 -3.24 -5.24 -11.23
N LEU B 166 -4.17 -6.19 -11.25
CA LEU B 166 -4.99 -6.42 -12.43
C LEU B 166 -6.36 -5.78 -12.28
N LYS B 167 -6.84 -5.71 -11.04
CA LYS B 167 -8.19 -5.25 -10.79
C LYS B 167 -8.39 -4.96 -9.31
N GLU B 168 -9.09 -3.88 -9.03
CA GLU B 168 -9.47 -3.56 -7.68
C GLU B 168 -10.97 -3.49 -7.64
N LEU B 169 -11.55 -3.92 -6.52
CA LEU B 169 -12.98 -4.00 -6.42
C LEU B 169 -13.38 -3.46 -5.09
N GLU B 170 -14.46 -2.71 -5.06
CA GLU B 170 -15.07 -2.33 -3.79
C GLU B 170 -16.53 -2.69 -3.87
N GLY B 171 -17.04 -3.29 -2.80
CA GLY B 171 -18.42 -3.72 -2.80
C GLY B 171 -19.36 -2.80 -2.03
N PHE B 172 -20.57 -3.29 -1.79
CA PHE B 172 -21.60 -2.48 -1.20
C PHE B 172 -22.09 -3.12 0.09
N VAL B 173 -21.17 -3.79 0.76
CA VAL B 173 -21.46 -4.37 2.07
C VAL B 173 -21.41 -3.26 3.12
N PRO B 174 -22.53 -3.04 3.82
CA PRO B 174 -22.60 -1.96 4.84
C PRO B 174 -21.73 -2.17 6.10
N GLY B 175 -21.33 -1.08 6.72
CA GLY B 175 -20.63 -1.14 8.01
C GLY B 175 -21.55 -0.83 9.19
N GLU B 188 -35.36 8.06 -4.77
CA GLU B 188 -34.05 7.81 -4.19
C GLU B 188 -33.41 6.52 -4.68
N ARG B 189 -32.12 6.38 -4.39
CA ARG B 189 -31.36 5.19 -4.78
C ARG B 189 -30.80 4.50 -3.53
N ILE B 190 -30.92 3.18 -3.51
CA ILE B 190 -30.47 2.35 -2.40
C ILE B 190 -29.71 1.18 -2.98
N ILE B 191 -28.52 0.93 -2.44
CA ILE B 191 -27.72 -0.19 -2.89
C ILE B 191 -27.11 -0.88 -1.68
N GLU B 192 -26.99 -2.20 -1.75
CA GLU B 192 -26.72 -3.01 -0.58
C GLU B 192 -26.32 -4.41 -1.06
N GLN B 193 -25.32 -4.97 -0.39
CA GLN B 193 -24.74 -6.25 -0.74
C GLN B 193 -24.41 -7.03 0.54
N MET B 194 -24.67 -8.34 0.53
CA MET B 194 -24.25 -9.20 1.63
C MET B 194 -22.82 -9.66 1.38
N VAL B 195 -22.10 -10.05 2.41
CA VAL B 195 -20.70 -10.43 2.22
C VAL B 195 -20.61 -11.54 1.17
N ASP B 196 -21.50 -12.51 1.28
CA ASP B 196 -21.57 -13.66 0.40
C ASP B 196 -21.63 -13.23 -1.06
N GLU B 197 -22.38 -12.17 -1.31
CA GLU B 197 -22.55 -11.68 -2.66
C GLU B 197 -21.29 -11.01 -3.22
N PHE B 198 -20.60 -10.23 -2.38
CA PHE B 198 -19.37 -9.58 -2.81
C PHE B 198 -18.31 -10.65 -3.07
N PHE B 199 -18.23 -11.66 -2.20
CA PHE B 199 -17.31 -12.78 -2.44
C PHE B 199 -17.56 -13.46 -3.80
N LYS B 200 -18.83 -13.64 -4.17
CA LYS B 200 -19.15 -14.30 -5.44
C LYS B 200 -18.66 -13.43 -6.58
N LYS B 201 -18.87 -12.12 -6.41
CA LYS B 201 -18.41 -11.12 -7.35
C LYS B 201 -16.88 -11.19 -7.48
N VAL B 202 -16.17 -11.04 -6.38
CA VAL B 202 -14.71 -11.22 -6.34
C VAL B 202 -14.22 -12.52 -7.02
N GLY B 203 -14.83 -13.64 -6.66
CA GLY B 203 -14.50 -14.93 -7.23
C GLY B 203 -14.61 -14.97 -8.75
N GLU B 204 -15.75 -14.54 -9.27
CA GLU B 204 -15.96 -14.52 -10.71
C GLU B 204 -14.92 -13.64 -11.40
N GLU B 205 -14.66 -12.46 -10.83
CA GLU B 205 -13.71 -11.52 -11.39
C GLU B 205 -12.29 -12.12 -11.40
N ALA B 206 -11.89 -12.71 -10.29
CA ALA B 206 -10.61 -13.40 -10.21
C ALA B 206 -10.51 -14.54 -11.25
N SER B 207 -11.55 -15.35 -11.33
CA SER B 207 -11.62 -16.44 -12.30
C SER B 207 -11.43 -16.01 -13.77
N ASN B 208 -12.20 -15.02 -14.21
CA ASN B 208 -12.02 -14.45 -15.54
C ASN B 208 -10.61 -13.99 -15.83
N LEU B 209 -9.94 -13.43 -14.85
CA LEU B 209 -8.57 -12.98 -15.05
C LEU B 209 -7.55 -14.13 -14.99
N LEU B 210 -7.79 -15.09 -14.11
CA LEU B 210 -6.76 -16.07 -13.76
C LEU B 210 -6.89 -17.44 -14.42
N VAL B 211 -8.11 -17.92 -14.58
CA VAL B 211 -8.37 -19.22 -15.17
C VAL B 211 -7.83 -19.39 -16.61
N PRO B 212 -7.96 -18.35 -17.47
CA PRO B 212 -7.24 -18.37 -18.76
C PRO B 212 -5.75 -18.69 -18.65
N LEU B 213 -5.05 -18.03 -17.73
CA LEU B 213 -3.62 -18.26 -17.57
C LEU B 213 -3.32 -19.65 -17.07
N ALA B 214 -4.25 -20.21 -16.30
CA ALA B 214 -4.09 -21.53 -15.71
C ALA B 214 -4.17 -22.58 -16.81
N GLU B 215 -4.86 -22.24 -17.88
CA GLU B 215 -5.09 -23.18 -18.96
C GLU B 215 -3.93 -23.18 -19.93
N LYS B 216 -3.31 -22.01 -20.11
CA LYS B 216 -2.12 -21.91 -20.95
C LYS B 216 -0.93 -22.52 -20.24
N GLY B 217 -1.15 -23.02 -19.03
CA GLY B 217 -0.07 -23.56 -18.21
C GLY B 217 0.87 -22.52 -17.61
N VAL B 218 0.61 -21.24 -17.91
CA VAL B 218 1.37 -20.13 -17.34
C VAL B 218 1.26 -20.01 -15.80
N LEU B 219 0.05 -20.12 -15.26
CA LEU B 219 -0.22 -19.88 -13.84
C LEU B 219 -0.01 -21.12 -12.97
N LYS B 220 0.96 -21.08 -12.07
CA LYS B 220 1.31 -22.24 -11.26
C LYS B 220 0.73 -22.21 -9.85
N GLY B 221 0.14 -21.09 -9.46
CA GLY B 221 -0.29 -20.96 -8.07
C GLY B 221 -1.13 -19.74 -7.84
N VAL B 222 -1.97 -19.81 -6.82
CA VAL B 222 -2.76 -18.66 -6.42
C VAL B 222 -2.55 -18.42 -4.95
N ILE B 223 -2.16 -17.21 -4.59
CA ILE B 223 -2.10 -16.85 -3.20
C ILE B 223 -3.38 -16.10 -2.82
N VAL B 224 -3.94 -16.47 -1.67
CA VAL B 224 -5.04 -15.72 -1.10
C VAL B 224 -4.52 -15.02 0.15
N ALA B 225 -4.80 -13.72 0.20
CA ALA B 225 -4.24 -12.87 1.23
C ALA B 225 -5.32 -11.95 1.75
N GLY B 226 -5.03 -11.29 2.87
CA GLY B 226 -5.87 -10.22 3.39
C GLY B 226 -5.90 -10.23 4.91
N PRO B 227 -6.64 -9.29 5.51
CA PRO B 227 -6.64 -9.22 6.97
C PRO B 227 -7.75 -10.04 7.59
N GLY B 228 -7.39 -10.76 8.64
CA GLY B 228 -8.36 -11.53 9.40
C GLY B 228 -9.06 -12.67 8.66
N LEU B 229 -10.33 -12.83 9.00
CA LEU B 229 -11.11 -14.02 8.70
C LEU B 229 -11.67 -14.07 7.30
N ALA B 230 -11.82 -12.91 6.67
CA ALA B 230 -12.57 -12.86 5.45
C ALA B 230 -11.91 -13.75 4.41
N LYS B 231 -10.57 -13.74 4.39
CA LYS B 231 -9.86 -14.59 3.43
C LYS B 231 -10.15 -16.10 3.63
N GLN B 232 -10.36 -16.52 4.87
CA GLN B 232 -10.63 -17.93 5.15
C GLN B 232 -12.02 -18.32 4.65
N GLU B 233 -12.99 -17.45 4.91
CA GLU B 233 -14.35 -17.66 4.42
C GLU B 233 -14.42 -17.68 2.90
N PHE B 234 -13.62 -16.84 2.27
CA PHE B 234 -13.58 -16.76 0.82
C PHE B 234 -13.06 -18.04 0.20
N VAL B 235 -12.03 -18.61 0.80
CA VAL B 235 -11.54 -19.91 0.37
C VAL B 235 -12.54 -21.04 0.66
N GLU B 236 -13.09 -21.06 1.86
CA GLU B 236 -13.95 -22.16 2.26
C GLU B 236 -15.20 -22.19 1.39
N GLY B 237 -15.67 -21.02 1.01
CA GLY B 237 -16.88 -20.92 0.21
C GLY B 237 -16.71 -21.41 -1.21
N ASN B 238 -17.79 -21.29 -1.95
CA ASN B 238 -17.79 -21.66 -3.35
C ASN B 238 -17.73 -20.41 -4.22
N TYR B 239 -16.60 -19.70 -4.21
CA TYR B 239 -16.48 -18.43 -4.92
C TYR B 239 -15.46 -18.55 -6.03
N LEU B 240 -14.40 -19.25 -5.72
CA LEU B 240 -13.29 -19.45 -6.64
C LEU B 240 -13.52 -20.72 -7.46
N ASP B 241 -13.46 -20.58 -8.78
CA ASP B 241 -13.47 -21.69 -9.72
C ASP B 241 -12.55 -22.84 -9.28
N TYR B 242 -12.97 -24.07 -9.54
CA TYR B 242 -12.23 -25.26 -9.08
C TYR B 242 -10.79 -25.32 -9.63
N ARG B 243 -10.58 -24.80 -10.83
CA ARG B 243 -9.24 -24.87 -11.44
C ARG B 243 -8.25 -23.98 -10.72
N LEU B 244 -8.71 -22.82 -10.25
CA LEU B 244 -7.88 -21.97 -9.39
C LEU B 244 -7.69 -22.67 -8.06
N LYS B 245 -8.79 -23.25 -7.57
CA LYS B 245 -8.78 -23.88 -6.25
C LYS B 245 -7.77 -25.02 -6.16
N LYS B 246 -7.49 -25.66 -7.28
CA LYS B 246 -6.57 -26.79 -7.34
C LYS B 246 -5.12 -26.36 -7.14
N ILE B 247 -4.83 -25.08 -7.44
CA ILE B 247 -3.46 -24.56 -7.36
C ILE B 247 -3.29 -23.50 -6.28
N LEU B 248 -4.21 -23.48 -5.34
CA LEU B 248 -4.14 -22.62 -4.17
C LEU B 248 -2.89 -22.93 -3.36
N ALA B 249 -2.13 -21.89 -3.01
CA ALA B 249 -1.15 -22.02 -1.94
C ALA B 249 -1.89 -22.40 -0.65
N PRO B 250 -1.37 -23.39 0.09
CA PRO B 250 -1.93 -23.87 1.36
C PRO B 250 -2.08 -22.79 2.44
N GLU B 251 -1.08 -21.95 2.60
CA GLU B 251 -1.10 -20.92 3.64
C GLU B 251 -1.73 -19.61 3.15
N LEU B 252 -2.71 -19.12 3.92
CA LEU B 252 -3.30 -17.84 3.64
C LEU B 252 -2.36 -16.84 4.26
N VAL B 253 -2.23 -15.67 3.65
CA VAL B 253 -1.28 -14.69 4.17
C VAL B 253 -2.04 -13.51 4.75
N ASP B 254 -1.80 -13.20 6.02
CA ASP B 254 -2.39 -12.00 6.59
C ASP B 254 -1.65 -10.73 6.15
N VAL B 255 -2.37 -9.83 5.50
CA VAL B 255 -1.84 -8.49 5.19
C VAL B 255 -2.91 -7.45 5.50
N ALA B 256 -2.49 -6.22 5.81
CA ALA B 256 -3.44 -5.19 6.17
C ALA B 256 -4.03 -4.37 4.99
N TYR B 257 -3.28 -4.22 3.90
CA TYR B 257 -3.65 -3.26 2.88
C TYR B 257 -4.10 -3.89 1.59
N GLN B 258 -4.78 -3.09 0.78
CA GLN B 258 -5.16 -3.45 -0.58
C GLN B 258 -4.15 -2.93 -1.60
N GLY B 259 -4.46 -3.12 -2.87
CA GLY B 259 -3.62 -2.61 -3.96
C GLY B 259 -2.20 -3.13 -3.98
N LEU B 260 -1.29 -2.36 -4.56
CA LEU B 260 0.09 -2.83 -4.73
C LEU B 260 0.81 -3.01 -3.41
N GLN B 261 0.56 -2.08 -2.49
CA GLN B 261 1.04 -2.23 -1.12
C GLN B 261 0.67 -3.60 -0.56
N GLY B 262 -0.62 -3.95 -0.70
CA GLY B 262 -1.10 -5.24 -0.27
C GLY B 262 -0.41 -6.38 -0.97
N LEU B 263 -0.29 -6.29 -2.30
CA LEU B 263 0.40 -7.34 -3.07
C LEU B 263 1.86 -7.55 -2.63
N LYS B 264 2.59 -6.46 -2.41
CA LYS B 264 3.98 -6.57 -1.98
C LYS B 264 4.05 -7.28 -0.65
N GLU B 265 3.28 -6.78 0.31
CA GLU B 265 3.12 -7.41 1.61
C GLU B 265 2.91 -8.93 1.46
N ALA B 266 1.92 -9.32 0.67
CA ALA B 266 1.62 -10.76 0.48
C ALA B 266 2.78 -11.58 -0.11
N VAL B 267 3.39 -11.06 -1.17
CA VAL B 267 4.52 -11.76 -1.80
C VAL B 267 5.72 -11.92 -0.85
N MET B 268 6.06 -10.87 -0.12
CA MET B 268 7.18 -10.95 0.81
C MET B 268 6.93 -12.01 1.87
N LYS B 269 5.68 -12.11 2.31
CA LYS B 269 5.35 -13.00 3.43
C LYS B 269 5.09 -14.45 3.03
N ALA B 270 4.88 -14.72 1.75
CA ALA B 270 4.53 -16.08 1.31
C ALA B 270 5.73 -16.99 1.16
N GLU B 271 6.50 -17.19 2.23
CA GLU B 271 7.83 -17.79 2.12
C GLU B 271 7.85 -19.23 1.60
N LYS B 272 6.71 -19.90 1.63
CA LYS B 272 6.66 -21.29 1.22
C LYS B 272 6.28 -21.50 -0.25
N VAL B 273 6.09 -20.41 -1.00
CA VAL B 273 5.88 -20.52 -2.45
C VAL B 273 7.12 -20.13 -3.26
N VAL B 274 7.67 -21.12 -3.95
CA VAL B 274 8.98 -21.03 -4.61
C VAL B 274 8.96 -20.03 -5.76
N GLU B 275 7.83 -19.94 -6.44
CA GLU B 275 7.67 -19.03 -7.56
C GLU B 275 7.76 -17.56 -7.12
N ALA B 276 7.78 -17.34 -5.81
CA ALA B 276 7.86 -15.98 -5.31
C ALA B 276 9.28 -15.67 -4.85
N GLN B 277 10.15 -16.67 -4.84
CA GLN B 277 11.47 -16.48 -4.26
C GLN B 277 12.28 -15.46 -5.07
N MET B 278 11.94 -15.30 -6.34
CA MET B 278 12.68 -14.40 -7.20
C MET B 278 12.42 -12.96 -6.82
N TYR B 279 11.14 -12.60 -6.68
CA TYR B 279 10.75 -11.26 -6.22
C TYR B 279 11.36 -10.94 -4.87
N ARG B 280 11.27 -11.88 -3.92
CA ARG B 280 11.90 -11.69 -2.62
C ARG B 280 13.39 -11.37 -2.76
N ASP B 281 14.07 -12.11 -3.62
CA ASP B 281 15.50 -11.92 -3.82
C ASP B 281 15.79 -10.53 -4.37
N ALA B 282 15.01 -10.11 -5.34
CA ALA B 282 15.15 -8.76 -5.87
C ALA B 282 14.92 -7.68 -4.78
N VAL B 283 13.93 -7.86 -3.92
CA VAL B 283 13.59 -6.84 -2.92
C VAL B 283 14.61 -6.83 -1.80
N ASN B 284 14.99 -8.01 -1.35
CA ASN B 284 15.97 -8.16 -0.29
C ASN B 284 17.39 -7.69 -0.66
N ALA B 285 17.79 -7.91 -1.91
CA ALA B 285 19.09 -7.42 -2.42
C ALA B 285 19.13 -5.91 -2.39
N MET B 286 18.10 -5.29 -2.96
CA MET B 286 18.04 -3.83 -2.98
C MET B 286 18.11 -3.27 -1.54
N GLU B 287 17.47 -3.97 -0.61
CA GLU B 287 17.46 -3.60 0.81
C GLU B 287 18.84 -3.75 1.43
N GLU B 288 19.55 -4.83 1.09
CA GLU B 288 20.91 -5.02 1.58
C GLU B 288 21.85 -3.98 0.97
N PHE B 289 21.58 -3.65 -0.29
CA PHE B 289 22.31 -2.60 -0.99
C PHE B 289 22.16 -1.25 -0.27
N LYS B 290 20.94 -0.95 0.15
CA LYS B 290 20.65 0.31 0.82
C LYS B 290 21.18 0.33 2.25
N LEU B 291 21.08 -0.81 2.94
CA LEU B 291 21.65 -0.94 4.27
C LEU B 291 23.12 -0.55 4.23
N HIS B 292 23.89 -1.21 3.37
CA HIS B 292 25.33 -0.92 3.21
C HIS B 292 25.58 0.58 3.06
N LEU B 293 24.80 1.21 2.19
CA LEU B 293 24.87 2.66 2.01
C LEU B 293 24.63 3.42 3.32
N ALA B 294 23.55 3.06 4.03
CA ALA B 294 23.13 3.80 5.22
C ALA B 294 24.10 3.60 6.38
N LYS B 295 24.68 2.41 6.49
CA LYS B 295 25.61 2.12 7.56
C LYS B 295 27.07 2.52 7.22
N GLY B 296 27.27 3.09 6.03
CA GLY B 296 28.58 3.53 5.61
C GLY B 296 29.65 2.45 5.72
N THR B 297 29.32 1.26 5.22
CA THR B 297 30.23 0.13 5.29
C THR B 297 31.24 0.12 4.12
N GLY B 298 30.90 0.81 3.02
CA GLY B 298 31.76 0.87 1.86
C GLY B 298 32.04 -0.46 1.19
N MET B 299 31.06 -1.36 1.21
CA MET B 299 31.22 -2.69 0.63
C MET B 299 30.48 -2.79 -0.69
N ILE B 300 30.27 -1.64 -1.32
CA ILE B 300 29.56 -1.54 -2.58
C ILE B 300 30.46 -1.02 -3.69
N VAL B 301 30.69 -1.83 -4.71
CA VAL B 301 31.45 -1.39 -5.87
C VAL B 301 30.52 -1.01 -7.02
N TYR B 302 30.79 0.12 -7.66
CA TYR B 302 30.07 0.48 -8.87
C TYR B 302 31.03 1.02 -9.93
N GLY B 303 30.49 1.40 -11.09
CA GLY B 303 31.33 1.73 -12.23
C GLY B 303 31.87 0.48 -12.93
N GLU B 304 31.79 0.49 -14.25
CA GLU B 304 32.17 -0.66 -15.06
C GLU B 304 33.58 -1.16 -14.78
N LYS B 305 34.52 -0.23 -14.63
CA LYS B 305 35.89 -0.58 -14.31
C LYS B 305 35.95 -1.34 -12.99
N ASP B 306 35.57 -0.67 -11.93
CA ASP B 306 35.64 -1.23 -10.59
C ASP B 306 34.79 -2.48 -10.44
N VAL B 307 33.61 -2.48 -11.06
CA VAL B 307 32.79 -3.69 -11.09
C VAL B 307 33.54 -4.83 -11.79
N GLU B 308 34.11 -4.54 -12.96
CA GLU B 308 34.92 -5.52 -13.69
C GLU B 308 36.11 -5.95 -12.84
N ALA B 309 36.77 -4.95 -12.25
CA ALA B 309 37.88 -5.17 -11.33
C ALA B 309 37.51 -6.12 -10.20
N ALA B 310 36.49 -5.74 -9.43
CA ALA B 310 36.01 -6.54 -8.29
C ALA B 310 35.59 -7.94 -8.73
N LEU B 311 34.90 -8.00 -9.87
CA LEU B 311 34.43 -9.26 -10.43
C LEU B 311 35.60 -10.21 -10.71
N GLU B 312 36.63 -9.71 -11.39
CA GLU B 312 37.82 -10.50 -11.70
C GLU B 312 38.46 -11.13 -10.46
N MET B 313 38.30 -10.46 -9.31
CA MET B 313 38.84 -10.91 -8.05
C MET B 313 37.95 -11.90 -7.29
N GLY B 314 36.73 -12.11 -7.79
CA GLY B 314 35.78 -12.96 -7.11
C GLY B 314 35.21 -12.28 -5.87
N ALA B 315 35.37 -10.95 -5.84
CA ALA B 315 34.97 -10.17 -4.68
C ALA B 315 33.46 -9.94 -4.56
N VAL B 316 32.74 -10.01 -5.68
CA VAL B 316 31.35 -9.58 -5.68
C VAL B 316 30.38 -10.69 -5.27
N LYS B 317 29.67 -10.49 -4.16
CA LYS B 317 28.71 -11.50 -3.71
C LYS B 317 27.38 -11.39 -4.45
N THR B 318 27.01 -10.19 -4.86
CA THR B 318 25.74 -9.96 -5.54
C THR B 318 25.85 -8.78 -6.51
N LEU B 319 25.44 -9.00 -7.75
CA LEU B 319 25.51 -7.96 -8.77
C LEU B 319 24.10 -7.47 -9.08
N LEU B 320 23.91 -6.17 -9.11
CA LEU B 320 22.59 -5.64 -9.42
C LEU B 320 22.55 -4.91 -10.74
N ILE B 321 21.76 -5.42 -11.69
CA ILE B 321 21.72 -4.81 -13.00
C ILE B 321 20.33 -4.34 -13.40
N HIS B 322 20.25 -3.08 -13.78
CA HIS B 322 19.01 -2.51 -14.31
C HIS B 322 18.65 -3.12 -15.67
N GLU B 323 17.44 -3.65 -15.79
CA GLU B 323 17.05 -4.42 -16.96
C GLU B 323 17.21 -3.65 -18.26
N SER B 324 17.30 -2.33 -18.17
CA SER B 324 17.34 -1.50 -19.37
C SER B 324 18.74 -1.29 -19.92
N ARG B 325 19.76 -1.75 -19.20
CA ARG B 325 21.12 -1.66 -19.71
C ARG B 325 21.25 -2.51 -20.96
N GLU B 326 21.97 -2.00 -21.95
CA GLU B 326 22.16 -2.72 -23.21
C GLU B 326 23.12 -3.91 -23.04
N ASP B 327 24.16 -3.72 -22.23
CA ASP B 327 25.17 -4.76 -22.00
C ASP B 327 24.79 -5.68 -20.86
N LEU B 328 23.52 -5.65 -20.49
CA LEU B 328 22.98 -6.51 -19.44
C LEU B 328 23.47 -7.94 -19.54
N GLU B 329 23.40 -8.52 -20.73
CA GLU B 329 23.78 -9.92 -20.92
C GLU B 329 25.27 -10.19 -20.72
N GLU B 330 26.11 -9.24 -21.15
CA GLU B 330 27.54 -9.29 -20.92
C GLU B 330 27.83 -9.52 -19.43
N TRP B 331 27.24 -8.68 -18.59
CA TRP B 331 27.51 -8.71 -17.16
C TRP B 331 26.90 -9.92 -16.48
N VAL B 332 25.72 -10.33 -16.94
CA VAL B 332 25.09 -11.55 -16.46
C VAL B 332 26.04 -12.72 -16.68
N GLU B 333 26.67 -12.73 -17.86
CA GLU B 333 27.63 -13.76 -18.22
C GLU B 333 28.82 -13.73 -17.28
N LYS B 334 29.47 -12.56 -17.21
CA LYS B 334 30.65 -12.36 -16.36
C LYS B 334 30.42 -12.80 -14.92
N ALA B 335 29.25 -12.46 -14.37
CA ALA B 335 28.95 -12.74 -12.97
C ALA B 335 28.93 -14.23 -12.63
N LYS B 336 28.25 -15.01 -13.46
CA LYS B 336 28.12 -16.45 -13.25
C LYS B 336 29.47 -17.15 -13.10
N SER B 337 30.45 -16.71 -13.87
CA SER B 337 31.81 -17.22 -13.75
C SER B 337 32.55 -16.63 -12.53
N SER B 338 32.42 -15.31 -12.33
CA SER B 338 33.13 -14.60 -11.27
C SER B 338 32.78 -15.07 -9.85
N GLY B 339 31.59 -15.65 -9.68
CA GLY B 339 31.15 -16.12 -8.38
C GLY B 339 30.06 -15.25 -7.78
N ALA B 340 29.46 -14.40 -8.61
CA ALA B 340 28.45 -13.44 -8.14
C ALA B 340 27.01 -13.86 -8.44
N GLN B 341 26.15 -13.79 -7.42
CA GLN B 341 24.72 -13.95 -7.60
C GLN B 341 24.19 -12.76 -8.38
N VAL B 342 23.26 -13.00 -9.29
CA VAL B 342 22.78 -11.90 -10.12
C VAL B 342 21.39 -11.45 -9.68
N ILE B 343 21.16 -10.15 -9.73
CA ILE B 343 19.83 -9.62 -9.49
C ILE B 343 19.52 -8.60 -10.56
N VAL B 344 18.53 -8.88 -11.39
CA VAL B 344 18.11 -7.92 -12.40
C VAL B 344 17.02 -7.04 -11.85
N VAL B 345 17.35 -5.77 -11.70
CA VAL B 345 16.41 -4.80 -11.18
C VAL B 345 15.47 -4.37 -12.29
N PRO B 346 14.19 -4.74 -12.15
CA PRO B 346 13.20 -4.42 -13.18
C PRO B 346 12.65 -3.02 -12.96
N GLU B 347 12.28 -2.36 -14.06
CA GLU B 347 11.81 -0.97 -14.02
C GLU B 347 10.60 -0.78 -13.09
N SER B 348 9.87 -1.86 -12.82
CA SER B 348 8.74 -1.81 -11.91
C SER B 348 9.17 -1.66 -10.45
N LEU B 349 10.38 -2.12 -10.13
CA LEU B 349 10.89 -2.00 -8.76
C LEU B 349 11.00 -0.54 -8.34
N ALA B 350 10.70 -0.25 -7.09
CA ALA B 350 10.62 1.14 -6.61
C ALA B 350 11.93 1.90 -6.77
N GLU B 351 13.04 1.24 -6.45
CA GLU B 351 14.36 1.85 -6.52
C GLU B 351 14.96 1.89 -7.92
N ALA B 352 14.24 1.39 -8.93
CA ALA B 352 14.80 1.17 -10.26
C ALA B 352 15.44 2.39 -10.89
N GLU B 353 14.70 3.49 -10.97
CA GLU B 353 15.21 4.68 -11.63
C GLU B 353 16.37 5.34 -10.87
N TRP B 354 16.29 5.36 -9.54
CA TRP B 354 17.36 5.90 -8.69
C TRP B 354 18.63 5.12 -8.87
N PHE B 355 18.48 3.82 -9.07
CA PHE B 355 19.64 2.95 -9.21
C PHE B 355 20.25 3.15 -10.59
N LEU B 356 19.46 3.66 -11.52
CA LEU B 356 19.92 3.89 -12.88
C LEU B 356 20.55 5.27 -13.05
N LYS B 357 19.90 6.30 -12.52
CA LYS B 357 20.43 7.67 -12.58
C LYS B 357 21.68 7.83 -11.72
N THR B 358 21.67 7.25 -10.52
CA THR B 358 22.75 7.50 -9.58
C THR B 358 23.92 6.52 -9.64
N PHE B 359 23.67 5.27 -10.03
CA PHE B 359 24.77 4.29 -10.14
C PHE B 359 24.94 3.68 -11.55
N GLY B 360 24.28 4.28 -12.54
CA GLY B 360 24.33 3.75 -13.89
C GLY B 360 23.68 2.38 -14.04
N GLY B 361 22.95 1.96 -13.02
CA GLY B 361 22.25 0.69 -13.09
C GLY B 361 23.16 -0.53 -13.03
N LEU B 362 24.33 -0.39 -12.42
CA LEU B 362 25.30 -1.49 -12.34
C LEU B 362 26.15 -1.37 -11.08
N ALA B 363 26.00 -2.33 -10.16
CA ALA B 363 26.70 -2.26 -8.89
C ALA B 363 26.76 -3.61 -8.23
N GLY B 364 27.85 -3.88 -7.50
CA GLY B 364 27.98 -5.13 -6.78
C GLY B 364 28.12 -4.92 -5.29
N ILE B 365 27.84 -5.97 -4.52
CA ILE B 365 27.98 -5.97 -3.09
C ILE B 365 29.12 -6.92 -2.78
N LEU B 366 30.13 -6.44 -2.07
CA LEU B 366 31.33 -7.23 -1.83
C LEU B 366 31.14 -8.24 -0.70
N ARG B 367 31.81 -9.38 -0.80
CA ARG B 367 31.85 -10.33 0.29
C ARG B 367 33.15 -10.15 1.03
N PHE B 368 34.06 -9.42 0.41
CA PHE B 368 35.26 -8.98 1.10
C PHE B 368 35.76 -7.64 0.54
N ARG B 369 36.49 -6.92 1.38
CA ARG B 369 36.95 -5.58 1.05
C ARG B 369 38.15 -5.57 0.10
N ILE B 370 38.19 -4.58 -0.79
CA ILE B 370 39.29 -4.37 -1.73
C ILE B 370 40.14 -3.16 -1.34
N SER B 371 39.50 -1.97 -1.41
CA SER B 371 39.95 -0.63 -0.95
C SER B 371 40.13 0.37 -2.09
PG GTP C . -8.98 -3.69 20.97
O1G GTP C . -7.54 -3.34 21.02
O2G GTP C . -9.69 -2.60 20.24
O3G GTP C . -9.23 -4.97 20.21
O3B GTP C . -9.55 -4.01 22.43
PB GTP C . -9.55 -2.97 23.64
O1B GTP C . -8.33 -2.09 23.74
O2B GTP C . -10.73 -2.08 23.56
O3A GTP C . -9.69 -3.96 24.92
PA GTP C . -11.12 -4.60 25.34
O1A GTP C . -11.71 -5.35 24.17
O2A GTP C . -12.08 -3.58 25.84
O5' GTP C . -10.75 -5.62 26.52
C5' GTP C . -9.67 -6.53 26.43
C4' GTP C . -9.73 -7.48 27.63
O4' GTP C . -9.21 -6.83 28.78
C3' GTP C . -11.16 -7.87 27.94
O3' GTP C . -11.19 -9.24 28.28
C2' GTP C . -11.51 -7.06 29.17
O2' GTP C . -12.41 -7.71 30.03
C1' GTP C . -10.17 -6.88 29.83
N9 GTP C . -10.21 -5.61 30.57
C8 GTP C . -10.56 -4.37 30.10
N7 GTP C . -10.47 -3.51 31.12
C5 GTP C . -10.08 -4.18 32.23
C6 GTP C . -9.85 -3.78 33.54
O6 GTP C . -9.98 -2.62 33.87
N1 GTP C . -9.45 -4.72 34.47
C2 GTP C . -9.30 -6.04 34.10
N2 GTP C . -8.93 -6.94 34.99
N3 GTP C . -9.54 -6.42 32.81
C4 GTP C . -9.92 -5.51 31.89
MG MG D . -11.89 -2.43 21.43
S SO4 E . -31.75 10.40 -6.17
O1 SO4 E . -32.70 11.51 -6.13
O2 SO4 E . -30.71 10.66 -7.16
O3 SO4 E . -31.18 10.15 -4.84
O4 SO4 E . -32.46 9.20 -6.60
#